data_2K8A
#
_entry.id   2K8A
#
_cell.length_a   1.000
_cell.length_b   1.000
_cell.length_c   1.000
_cell.angle_alpha   90.00
_cell.angle_beta   90.00
_cell.angle_gamma   90.00
#
_symmetry.space_group_name_H-M   'P 1'
#
_entity_poly.entity_id   1
_entity_poly.type   'polypeptide(L)'
_entity_poly.pdbx_seq_one_letter_code
;ANQQTSGKVLYEGKEFDYVFSIDVNEGGPSYKLPYNTSDDPWLTAYNFLQKNDLNPMFLDQVAKFIIDNTKGQMLGLGNP
;
_entity_poly.pdbx_strand_id   A
#
# COMPACT_ATOMS: atom_id res chain seq x y z
N ALA A 1 5.55 -5.27 19.21
CA ALA A 1 5.47 -4.81 17.81
C ALA A 1 6.59 -5.44 16.99
N ASN A 2 6.25 -5.86 15.77
CA ASN A 2 7.22 -6.43 14.84
C ASN A 2 7.89 -7.67 15.42
N GLN A 3 7.09 -8.70 15.66
CA GLN A 3 7.60 -9.98 16.11
C GLN A 3 8.50 -10.59 15.04
N GLN A 4 8.17 -10.27 13.79
CA GLN A 4 8.96 -10.69 12.65
C GLN A 4 9.23 -9.48 11.76
N THR A 5 10.48 -9.25 11.42
CA THR A 5 10.84 -8.13 10.57
C THR A 5 11.58 -8.63 9.33
N SER A 6 10.88 -9.41 8.52
CA SER A 6 11.46 -9.96 7.32
C SER A 6 11.21 -9.04 6.13
N GLY A 7 9.93 -8.85 5.81
CA GLY A 7 9.58 -8.03 4.67
C GLY A 7 9.02 -6.68 5.09
N LYS A 8 9.88 -5.67 5.10
CA LYS A 8 9.45 -4.31 5.36
C LYS A 8 9.74 -3.45 4.13
N VAL A 9 8.90 -2.45 3.91
CA VAL A 9 9.01 -1.62 2.73
C VAL A 9 9.43 -0.20 3.11
N LEU A 10 10.34 0.36 2.35
CA LEU A 10 10.82 1.72 2.61
C LEU A 10 10.06 2.72 1.73
N TYR A 11 9.55 3.76 2.36
CA TYR A 11 8.90 4.85 1.64
C TYR A 11 9.42 6.19 2.18
N GLU A 12 10.06 6.95 1.32
CA GLU A 12 10.54 8.30 1.66
C GLU A 12 11.47 8.30 2.87
N GLY A 13 12.01 7.13 3.20
CA GLY A 13 12.94 7.02 4.29
C GLY A 13 12.39 6.27 5.50
N LYS A 14 11.09 6.02 5.51
CA LYS A 14 10.47 5.28 6.60
C LYS A 14 10.14 3.86 6.16
N GLU A 15 10.11 2.94 7.10
CA GLU A 15 9.81 1.55 6.78
C GLU A 15 8.47 1.11 7.34
N PHE A 16 7.71 0.42 6.51
CA PHE A 16 6.41 -0.10 6.88
C PHE A 16 6.30 -1.57 6.54
N ASP A 17 5.23 -2.20 6.98
CA ASP A 17 4.99 -3.61 6.71
C ASP A 17 4.95 -3.85 5.19
N TYR A 18 3.89 -3.41 4.56
CA TYR A 18 3.76 -3.55 3.12
C TYR A 18 3.24 -2.26 2.48
N VAL A 19 4.14 -1.45 1.94
CA VAL A 19 3.73 -0.29 1.17
C VAL A 19 3.62 -0.68 -0.30
N PHE A 20 2.59 -0.18 -0.96
CA PHE A 20 2.36 -0.49 -2.35
C PHE A 20 3.05 0.56 -3.22
N SER A 21 3.49 0.17 -4.39
CA SER A 21 4.13 1.09 -5.31
C SER A 21 3.17 1.43 -6.44
N ILE A 22 2.80 2.69 -6.51
CA ILE A 22 1.78 3.15 -7.43
C ILE A 22 2.37 3.94 -8.59
N ASP A 23 2.14 3.44 -9.79
CA ASP A 23 2.53 4.16 -10.99
C ASP A 23 1.29 4.64 -11.74
N VAL A 24 1.33 5.87 -12.22
CA VAL A 24 0.23 6.43 -13.00
C VAL A 24 0.72 7.64 -13.79
N ASN A 25 1.59 8.42 -13.16
CA ASN A 25 2.24 9.52 -13.82
C ASN A 25 3.62 9.08 -14.30
N GLU A 26 3.96 9.41 -15.53
CA GLU A 26 5.27 9.09 -16.06
C GLU A 26 6.18 10.30 -15.93
N GLY A 27 7.30 10.11 -15.24
CA GLY A 27 8.20 11.21 -14.99
C GLY A 27 7.77 12.02 -13.78
N GLY A 28 8.29 11.67 -12.62
CA GLY A 28 7.90 12.33 -11.41
C GLY A 28 8.02 11.42 -10.20
N PRO A 29 7.46 11.82 -9.06
CA PRO A 29 7.51 11.04 -7.82
C PRO A 29 6.62 9.80 -7.89
N SER A 30 7.14 8.70 -7.35
CA SER A 30 6.36 7.47 -7.27
C SER A 30 5.49 7.50 -6.03
N TYR A 31 4.34 6.84 -6.09
CA TYR A 31 3.41 6.84 -4.97
C TYR A 31 3.56 5.54 -4.19
N LYS A 32 3.81 5.63 -2.90
CA LYS A 32 3.94 4.43 -2.09
C LYS A 32 2.86 4.40 -1.01
N LEU A 33 2.20 3.26 -0.87
CA LEU A 33 1.08 3.13 0.07
C LEU A 33 1.45 2.22 1.24
N PRO A 34 1.99 2.80 2.32
CA PRO A 34 2.40 2.06 3.52
C PRO A 34 1.22 1.44 4.26
N TYR A 35 1.17 0.11 4.25
CA TYR A 35 0.10 -0.63 4.90
C TYR A 35 0.65 -1.54 5.99
N ASN A 36 0.07 -1.46 7.18
CA ASN A 36 0.32 -2.44 8.23
C ASN A 36 -0.80 -3.46 8.12
N THR A 37 -0.46 -4.74 8.18
CA THR A 37 -1.40 -5.78 7.82
C THR A 37 -2.61 -5.86 8.76
N SER A 38 -2.54 -5.17 9.89
CA SER A 38 -3.63 -5.14 10.85
C SER A 38 -4.43 -3.83 10.77
N ASP A 39 -4.20 -3.05 9.72
CA ASP A 39 -4.90 -1.78 9.53
C ASP A 39 -5.95 -1.92 8.43
N ASP A 40 -6.97 -1.07 8.46
CA ASP A 40 -8.06 -1.16 7.48
C ASP A 40 -7.67 -0.51 6.16
N PRO A 41 -8.12 -1.08 5.02
CA PRO A 41 -7.79 -0.56 3.68
C PRO A 41 -8.12 0.91 3.53
N TRP A 42 -9.39 1.24 3.70
CA TRP A 42 -9.87 2.59 3.50
C TRP A 42 -9.16 3.58 4.41
N LEU A 43 -8.68 3.11 5.55
CA LEU A 43 -7.94 3.97 6.48
C LEU A 43 -6.52 4.16 5.99
N THR A 44 -5.80 3.06 5.78
CA THR A 44 -4.42 3.10 5.30
C THR A 44 -4.31 3.90 4.00
N ALA A 45 -5.24 3.66 3.09
CA ALA A 45 -5.24 4.33 1.81
C ALA A 45 -5.55 5.81 1.98
N TYR A 46 -6.47 6.11 2.89
CA TYR A 46 -6.84 7.47 3.18
C TYR A 46 -5.66 8.21 3.78
N ASN A 47 -4.91 7.51 4.63
CA ASN A 47 -3.70 8.04 5.24
C ASN A 47 -2.72 8.54 4.19
N PHE A 48 -2.40 7.68 3.24
CA PHE A 48 -1.50 8.04 2.15
C PHE A 48 -2.12 9.13 1.29
N LEU A 49 -3.42 9.02 1.04
CA LEU A 49 -4.12 9.98 0.20
C LEU A 49 -4.02 11.39 0.79
N GLN A 50 -4.29 11.53 2.08
CA GLN A 50 -4.18 12.83 2.73
C GLN A 50 -2.73 13.22 2.95
N LYS A 51 -1.85 12.22 3.02
CA LYS A 51 -0.43 12.44 3.27
C LYS A 51 0.25 13.03 2.04
N ASN A 52 -0.06 12.49 0.88
CA ASN A 52 0.60 12.92 -0.35
C ASN A 52 -0.29 13.89 -1.11
N ASP A 53 -1.44 14.21 -0.52
CA ASP A 53 -2.41 15.15 -1.11
C ASP A 53 -2.98 14.61 -2.41
N LEU A 54 -3.50 13.40 -2.39
CA LEU A 54 -4.07 12.79 -3.59
C LEU A 54 -5.58 12.96 -3.59
N ASN A 55 -6.19 12.64 -4.72
CA ASN A 55 -7.63 12.77 -4.88
C ASN A 55 -8.35 11.59 -4.24
N PRO A 56 -9.48 11.86 -3.55
CA PRO A 56 -10.27 10.84 -2.85
C PRO A 56 -10.75 9.72 -3.76
N MET A 57 -10.69 9.96 -5.07
CA MET A 57 -11.06 8.94 -6.05
C MET A 57 -10.09 7.76 -5.99
N PHE A 58 -8.87 8.03 -5.52
CA PHE A 58 -7.83 7.01 -5.52
C PHE A 58 -8.01 6.04 -4.37
N LEU A 59 -8.75 6.49 -3.36
CA LEU A 59 -8.90 5.77 -2.09
C LEU A 59 -9.36 4.33 -2.30
N ASP A 60 -10.33 4.12 -3.17
CA ASP A 60 -10.85 2.77 -3.42
C ASP A 60 -9.79 1.88 -4.06
N GLN A 61 -9.07 2.42 -5.04
CA GLN A 61 -8.05 1.69 -5.77
C GLN A 61 -6.96 1.18 -4.82
N VAL A 62 -6.41 2.10 -4.03
CA VAL A 62 -5.35 1.77 -3.10
C VAL A 62 -5.83 0.82 -2.01
N ALA A 63 -7.03 1.09 -1.50
CA ALA A 63 -7.59 0.27 -0.42
C ALA A 63 -7.87 -1.15 -0.89
N LYS A 64 -8.37 -1.29 -2.11
CA LYS A 64 -8.66 -2.60 -2.65
C LYS A 64 -7.39 -3.42 -2.86
N PHE A 65 -6.31 -2.76 -3.24
CA PHE A 65 -5.04 -3.45 -3.38
C PHE A 65 -4.54 -3.88 -2.01
N ILE A 66 -4.68 -2.98 -1.03
CA ILE A 66 -4.39 -3.30 0.36
C ILE A 66 -5.07 -4.60 0.78
N ILE A 67 -6.36 -4.66 0.51
CA ILE A 67 -7.16 -5.80 0.85
C ILE A 67 -6.63 -7.08 0.22
N ASP A 68 -6.37 -7.04 -1.08
CA ASP A 68 -5.98 -8.25 -1.79
C ASP A 68 -4.66 -8.82 -1.27
N ASN A 69 -3.81 -7.94 -0.73
CA ASN A 69 -2.55 -8.38 -0.12
C ASN A 69 -2.82 -9.41 0.99
N THR A 70 -3.86 -9.17 1.77
CA THR A 70 -4.22 -10.07 2.86
C THR A 70 -5.40 -10.98 2.47
N LYS A 71 -6.07 -10.61 1.39
CA LYS A 71 -7.19 -11.38 0.86
C LYS A 71 -6.69 -12.55 0.03
N GLY A 72 -6.40 -12.29 -1.24
CA GLY A 72 -5.85 -13.32 -2.10
C GLY A 72 -6.77 -13.68 -3.25
N GLN A 73 -7.11 -12.70 -4.08
CA GLN A 73 -7.94 -12.93 -5.24
C GLN A 73 -7.23 -12.50 -6.52
N MET A 74 -6.47 -11.42 -6.43
CA MET A 74 -5.71 -10.92 -7.58
C MET A 74 -4.30 -11.50 -7.59
N LEU A 75 -3.53 -11.23 -6.55
CA LEU A 75 -2.15 -11.67 -6.49
C LEU A 75 -1.91 -12.69 -5.38
N GLY A 76 -2.92 -12.91 -4.55
CA GLY A 76 -2.80 -13.88 -3.48
C GLY A 76 -3.01 -15.31 -3.97
N LEU A 77 -4.27 -15.76 -3.92
CA LEU A 77 -4.65 -17.09 -4.38
C LEU A 77 -4.03 -18.19 -3.53
N GLY A 78 -2.86 -18.67 -3.95
CA GLY A 78 -2.25 -19.82 -3.30
C GLY A 78 -3.05 -21.08 -3.59
N ASN A 79 -3.42 -21.26 -4.86
CA ASN A 79 -4.27 -22.36 -5.25
C ASN A 79 -3.46 -23.49 -5.90
N PRO A 80 -4.01 -24.71 -5.89
CA PRO A 80 -3.41 -25.84 -6.60
C PRO A 80 -3.56 -25.68 -8.11
N ALA A 1 21.13 -8.37 0.20
CA ALA A 1 19.85 -8.82 -0.37
C ALA A 1 19.71 -8.33 -1.80
N ASN A 2 19.26 -9.20 -2.70
CA ASN A 2 19.08 -8.83 -4.09
C ASN A 2 17.64 -8.41 -4.36
N GLN A 3 16.80 -8.55 -3.34
CA GLN A 3 15.44 -8.04 -3.40
C GLN A 3 15.41 -6.61 -2.90
N GLN A 4 14.63 -5.77 -3.57
CA GLN A 4 14.68 -4.33 -3.34
C GLN A 4 13.84 -3.92 -2.12
N THR A 5 12.81 -4.70 -1.82
CA THR A 5 11.99 -4.43 -0.65
C THR A 5 12.55 -5.14 0.58
N SER A 6 12.81 -6.44 0.45
CA SER A 6 13.37 -7.24 1.54
C SER A 6 12.41 -7.29 2.74
N GLY A 7 11.22 -7.80 2.49
CA GLY A 7 10.23 -7.94 3.54
C GLY A 7 9.56 -6.62 3.87
N LYS A 8 10.22 -5.81 4.68
CA LYS A 8 9.70 -4.52 5.09
C LYS A 8 10.13 -3.45 4.11
N VAL A 9 9.19 -2.62 3.72
CA VAL A 9 9.41 -1.63 2.67
C VAL A 9 9.85 -0.30 3.24
N LEU A 10 11.01 0.14 2.83
CA LEU A 10 11.47 1.47 3.15
C LEU A 10 10.87 2.47 2.17
N TYR A 11 9.97 3.31 2.66
CA TYR A 11 9.34 4.32 1.85
C TYR A 11 9.71 5.69 2.38
N GLU A 12 10.33 6.50 1.55
CA GLU A 12 10.65 7.89 1.87
C GLU A 12 11.46 8.02 3.16
N GLY A 13 12.08 6.93 3.57
CA GLY A 13 12.91 6.92 4.76
C GLY A 13 12.32 6.15 5.94
N LYS A 14 11.05 5.77 5.83
CA LYS A 14 10.41 4.99 6.90
C LYS A 14 10.11 3.58 6.41
N GLU A 15 10.11 2.63 7.33
CA GLU A 15 9.90 1.23 6.97
C GLU A 15 8.51 0.78 7.35
N PHE A 16 7.89 0.01 6.46
CA PHE A 16 6.55 -0.50 6.67
C PHE A 16 6.43 -1.95 6.20
N ASP A 17 5.30 -2.58 6.51
CA ASP A 17 5.04 -3.95 6.05
C ASP A 17 5.13 -4.01 4.53
N TYR A 18 4.12 -3.44 3.88
CA TYR A 18 4.07 -3.39 2.42
C TYR A 18 3.57 -2.05 1.95
N VAL A 19 4.46 -1.24 1.40
CA VAL A 19 4.03 0.00 0.79
C VAL A 19 3.92 -0.20 -0.72
N PHE A 20 2.85 0.31 -1.29
CA PHE A 20 2.61 0.16 -2.71
C PHE A 20 3.23 1.30 -3.48
N SER A 21 3.77 1.00 -4.64
CA SER A 21 4.37 2.02 -5.47
C SER A 21 3.40 2.40 -6.57
N ILE A 22 2.98 3.64 -6.55
CA ILE A 22 1.95 4.12 -7.45
C ILE A 22 2.55 4.98 -8.54
N ASP A 23 2.36 4.53 -9.77
CA ASP A 23 2.79 5.24 -10.97
C ASP A 23 1.58 5.76 -11.72
N VAL A 24 1.71 6.92 -12.33
CA VAL A 24 0.63 7.48 -13.13
C VAL A 24 1.20 8.30 -14.28
N ASN A 25 2.10 9.21 -13.96
CA ASN A 25 2.80 10.00 -14.96
C ASN A 25 4.26 9.63 -14.96
N GLU A 26 4.88 9.57 -16.13
CA GLU A 26 6.29 9.28 -16.23
C GLU A 26 7.10 10.46 -15.72
N GLY A 27 7.67 10.31 -14.53
CA GLY A 27 8.36 11.40 -13.89
C GLY A 27 7.51 12.05 -12.81
N GLY A 28 8.08 12.98 -12.07
CA GLY A 28 7.36 13.61 -10.99
C GLY A 28 7.48 12.83 -9.70
N PRO A 29 6.64 13.14 -8.70
CA PRO A 29 6.65 12.44 -7.41
C PRO A 29 6.11 11.01 -7.51
N SER A 30 6.83 10.08 -6.92
CA SER A 30 6.38 8.69 -6.87
C SER A 30 5.52 8.50 -5.63
N TYR A 31 4.39 7.81 -5.79
CA TYR A 31 3.45 7.67 -4.69
C TYR A 31 3.63 6.32 -4.02
N LYS A 32 3.88 6.31 -2.71
CA LYS A 32 4.02 5.05 -2.01
C LYS A 32 2.95 4.90 -0.95
N LEU A 33 2.31 3.74 -0.91
CA LEU A 33 1.20 3.48 0.00
C LEU A 33 1.60 2.47 1.06
N PRO A 34 2.15 2.94 2.18
CA PRO A 34 2.55 2.07 3.30
C PRO A 34 1.36 1.40 3.99
N TYR A 35 1.33 0.09 3.91
CA TYR A 35 0.26 -0.70 4.51
C TYR A 35 0.82 -1.66 5.55
N ASN A 36 0.26 -1.62 6.76
CA ASN A 36 0.57 -2.62 7.77
C ASN A 36 -0.50 -3.68 7.69
N THR A 37 -0.11 -4.93 7.78
CA THR A 37 -1.02 -6.04 7.51
C THR A 37 -2.19 -6.12 8.49
N SER A 38 -2.16 -5.29 9.52
CA SER A 38 -3.23 -5.22 10.50
C SER A 38 -4.16 -4.02 10.25
N ASP A 39 -3.91 -3.30 9.16
CA ASP A 39 -4.65 -2.07 8.86
C ASP A 39 -5.81 -2.33 7.90
N ASP A 40 -6.82 -1.45 7.98
CA ASP A 40 -7.98 -1.52 7.09
C ASP A 40 -7.70 -0.73 5.82
N PRO A 41 -8.12 -1.26 4.66
CA PRO A 41 -7.78 -0.70 3.35
C PRO A 41 -8.10 0.78 3.22
N TRP A 42 -9.37 1.11 3.32
CA TRP A 42 -9.82 2.46 3.06
C TRP A 42 -9.25 3.44 4.07
N LEU A 43 -8.90 2.96 5.26
CA LEU A 43 -8.29 3.80 6.28
C LEU A 43 -6.84 4.11 5.90
N THR A 44 -6.08 3.06 5.62
CA THR A 44 -4.68 3.20 5.22
C THR A 44 -4.56 4.04 3.95
N ALA A 45 -5.44 3.75 2.99
CA ALA A 45 -5.45 4.44 1.73
C ALA A 45 -5.83 5.89 1.92
N TYR A 46 -6.77 6.14 2.81
CA TYR A 46 -7.23 7.47 3.12
C TYR A 46 -6.09 8.25 3.78
N ASN A 47 -5.36 7.57 4.65
CA ASN A 47 -4.20 8.15 5.31
C ASN A 47 -3.19 8.66 4.30
N PHE A 48 -2.82 7.82 3.35
CA PHE A 48 -1.88 8.21 2.31
C PHE A 48 -2.48 9.30 1.42
N LEU A 49 -3.78 9.16 1.14
CA LEU A 49 -4.48 10.14 0.33
C LEU A 49 -4.46 11.52 1.01
N GLN A 50 -4.56 11.53 2.32
CA GLN A 50 -4.45 12.78 3.08
C GLN A 50 -2.99 13.19 3.25
N LYS A 51 -2.12 12.19 3.34
CA LYS A 51 -0.69 12.42 3.52
C LYS A 51 -0.11 13.16 2.34
N ASN A 52 -0.46 12.75 1.14
CA ASN A 52 0.12 13.33 -0.06
C ASN A 52 -0.85 14.31 -0.70
N ASP A 53 -2.06 14.35 -0.13
CA ASP A 53 -3.13 15.21 -0.60
C ASP A 53 -3.58 14.80 -2.00
N LEU A 54 -4.07 13.56 -2.11
CA LEU A 54 -4.51 13.01 -3.40
C LEU A 54 -6.01 13.12 -3.55
N ASN A 55 -6.50 12.73 -4.72
CA ASN A 55 -7.92 12.73 -5.01
C ASN A 55 -8.58 11.48 -4.42
N PRO A 56 -9.79 11.65 -3.85
CA PRO A 56 -10.55 10.56 -3.21
C PRO A 56 -10.87 9.42 -4.17
N MET A 57 -10.75 9.67 -5.47
CA MET A 57 -10.96 8.64 -6.48
C MET A 57 -9.89 7.56 -6.40
N PHE A 58 -8.79 7.89 -5.75
CA PHE A 58 -7.67 6.97 -5.64
C PHE A 58 -7.89 6.01 -4.48
N LEU A 59 -8.74 6.42 -3.56
CA LEU A 59 -8.92 5.74 -2.27
C LEU A 59 -9.29 4.27 -2.42
N ASP A 60 -10.32 3.96 -3.18
CA ASP A 60 -10.76 2.57 -3.29
C ASP A 60 -9.72 1.76 -4.07
N GLN A 61 -9.03 2.42 -4.98
CA GLN A 61 -7.98 1.78 -5.78
C GLN A 61 -6.81 1.33 -4.89
N VAL A 62 -6.28 2.27 -4.13
CA VAL A 62 -5.19 1.97 -3.20
C VAL A 62 -5.65 0.97 -2.15
N ALA A 63 -6.86 1.15 -1.66
CA ALA A 63 -7.41 0.27 -0.64
C ALA A 63 -7.60 -1.16 -1.14
N LYS A 64 -8.03 -1.31 -2.38
CA LYS A 64 -8.22 -2.64 -2.96
C LYS A 64 -6.89 -3.37 -3.08
N PHE A 65 -5.84 -2.65 -3.46
CA PHE A 65 -4.52 -3.25 -3.55
C PHE A 65 -4.07 -3.70 -2.16
N ILE A 66 -4.31 -2.82 -1.17
CA ILE A 66 -4.10 -3.16 0.23
C ILE A 66 -4.75 -4.49 0.58
N ILE A 67 -6.03 -4.61 0.24
CA ILE A 67 -6.79 -5.81 0.53
C ILE A 67 -6.17 -7.03 -0.12
N ASP A 68 -5.93 -6.96 -1.42
CA ASP A 68 -5.50 -8.13 -2.19
C ASP A 68 -4.19 -8.70 -1.66
N ASN A 69 -3.33 -7.85 -1.14
CA ASN A 69 -2.07 -8.29 -0.53
C ASN A 69 -2.34 -9.27 0.61
N THR A 70 -3.36 -8.97 1.40
CA THR A 70 -3.76 -9.82 2.51
C THR A 70 -5.07 -10.54 2.22
N LYS A 71 -5.33 -10.74 0.94
CA LYS A 71 -6.52 -11.44 0.47
C LYS A 71 -6.08 -12.52 -0.52
N GLY A 72 -7.00 -13.38 -0.93
CA GLY A 72 -6.69 -14.31 -2.01
C GLY A 72 -6.15 -13.58 -3.22
N GLN A 73 -4.93 -13.93 -3.61
CA GLN A 73 -4.21 -13.21 -4.65
C GLN A 73 -5.05 -13.06 -5.92
N MET A 74 -5.44 -11.82 -6.19
CA MET A 74 -6.30 -11.45 -7.32
C MET A 74 -7.72 -11.96 -7.13
N LEU A 75 -7.88 -13.27 -7.04
CA LEU A 75 -9.19 -13.88 -7.00
C LEU A 75 -9.52 -14.35 -5.58
N GLY A 76 -8.79 -15.34 -5.09
CA GLY A 76 -9.07 -15.89 -3.79
C GLY A 76 -8.27 -17.14 -3.50
N LEU A 77 -8.54 -17.78 -2.39
CA LEU A 77 -7.82 -18.99 -2.00
C LEU A 77 -8.62 -20.23 -2.38
N GLY A 78 -8.09 -21.40 -2.04
CA GLY A 78 -8.81 -22.63 -2.28
C GLY A 78 -8.40 -23.35 -3.55
N ASN A 79 -7.21 -23.95 -3.52
CA ASN A 79 -6.73 -24.71 -4.66
C ASN A 79 -6.07 -26.00 -4.20
N PRO A 80 -6.85 -27.10 -4.15
CA PRO A 80 -6.36 -28.42 -3.73
C PRO A 80 -5.42 -29.05 -4.76
N ALA A 1 17.40 -5.19 15.08
CA ALA A 1 17.17 -5.21 13.61
C ALA A 1 18.47 -5.55 12.88
N ASN A 2 18.35 -6.43 11.89
CA ASN A 2 19.49 -6.84 11.09
C ASN A 2 19.82 -5.75 10.05
N GLN A 3 20.98 -5.83 9.43
CA GLN A 3 21.37 -4.86 8.42
C GLN A 3 20.41 -4.91 7.24
N GLN A 4 20.18 -6.10 6.72
CA GLN A 4 19.26 -6.28 5.60
C GLN A 4 18.21 -7.32 5.95
N THR A 5 17.44 -7.74 4.94
CA THR A 5 16.38 -8.73 5.09
C THR A 5 15.44 -8.37 6.24
N SER A 6 15.05 -7.11 6.30
CA SER A 6 14.13 -6.65 7.32
C SER A 6 12.72 -7.16 7.01
N GLY A 7 12.41 -7.27 5.72
CA GLY A 7 11.11 -7.75 5.30
C GLY A 7 10.13 -6.64 5.08
N LYS A 8 10.32 -5.55 5.79
CA LYS A 8 9.48 -4.38 5.68
C LYS A 8 9.97 -3.42 4.61
N VAL A 9 9.04 -2.64 4.09
CA VAL A 9 9.31 -1.72 3.00
C VAL A 9 9.66 -0.36 3.54
N LEU A 10 10.77 0.20 3.10
CA LEU A 10 11.21 1.50 3.59
C LEU A 10 10.64 2.63 2.73
N TYR A 11 9.92 3.53 3.36
CA TYR A 11 9.42 4.72 2.69
C TYR A 11 9.82 5.95 3.50
N GLU A 12 10.62 6.82 2.90
CA GLU A 12 11.04 8.08 3.51
C GLU A 12 11.65 7.87 4.91
N GLY A 13 12.21 6.70 5.11
CA GLY A 13 12.90 6.41 6.35
C GLY A 13 12.11 5.57 7.33
N LYS A 14 10.85 5.29 7.02
CA LYS A 14 10.04 4.42 7.86
C LYS A 14 9.76 3.11 7.15
N GLU A 15 9.54 2.07 7.92
CA GLU A 15 9.31 0.74 7.36
C GLU A 15 7.87 0.30 7.58
N PHE A 16 7.27 -0.28 6.55
CA PHE A 16 5.91 -0.80 6.64
C PHE A 16 5.81 -2.20 6.07
N ASP A 17 4.67 -2.85 6.30
CA ASP A 17 4.47 -4.22 5.84
C ASP A 17 4.66 -4.33 4.34
N TYR A 18 3.80 -3.65 3.60
CA TYR A 18 3.87 -3.65 2.15
C TYR A 18 3.48 -2.27 1.61
N VAL A 19 4.46 -1.41 1.34
CA VAL A 19 4.13 -0.15 0.71
C VAL A 19 4.05 -0.34 -0.80
N PHE A 20 2.96 0.10 -1.38
CA PHE A 20 2.69 -0.11 -2.80
C PHE A 20 3.23 1.06 -3.61
N SER A 21 3.65 0.79 -4.84
CA SER A 21 4.08 1.85 -5.72
C SER A 21 2.92 2.30 -6.59
N ILE A 22 2.60 3.58 -6.48
CA ILE A 22 1.43 4.14 -7.11
C ILE A 22 1.75 4.71 -8.47
N ASP A 23 1.07 4.18 -9.48
CA ASP A 23 1.23 4.63 -10.86
C ASP A 23 0.14 5.62 -11.20
N VAL A 24 0.53 6.85 -11.46
CA VAL A 24 -0.39 7.88 -11.90
C VAL A 24 0.20 8.63 -13.09
N ASN A 25 1.44 9.07 -12.96
CA ASN A 25 2.19 9.63 -14.06
C ASN A 25 3.42 8.78 -14.36
N GLU A 26 3.40 8.06 -15.47
CA GLU A 26 4.56 7.29 -15.88
C GLU A 26 5.52 8.21 -16.62
N GLY A 27 6.64 8.50 -15.97
CA GLY A 27 7.53 9.55 -16.46
C GLY A 27 7.53 10.71 -15.50
N GLY A 28 7.24 10.40 -14.24
CA GLY A 28 7.17 11.41 -13.20
C GLY A 28 7.35 10.77 -11.84
N PRO A 29 7.05 11.49 -10.75
CA PRO A 29 7.22 10.94 -9.40
C PRO A 29 6.22 9.83 -9.10
N SER A 30 6.72 8.72 -8.56
CA SER A 30 5.86 7.61 -8.18
C SER A 30 5.51 7.73 -6.70
N TYR A 31 4.33 7.26 -6.33
CA TYR A 31 3.89 7.36 -4.95
C TYR A 31 4.06 6.01 -4.27
N LYS A 32 4.18 5.99 -2.95
CA LYS A 32 4.26 4.73 -2.22
C LYS A 32 3.19 4.65 -1.16
N LEU A 33 2.48 3.53 -1.12
CA LEU A 33 1.36 3.33 -0.20
C LEU A 33 1.77 2.37 0.90
N PRO A 34 2.31 2.89 2.01
CA PRO A 34 2.66 2.06 3.15
C PRO A 34 1.43 1.37 3.73
N TYR A 35 1.36 0.07 3.54
CA TYR A 35 0.21 -0.71 3.91
C TYR A 35 0.56 -1.71 4.99
N ASN A 36 -0.17 -1.63 6.10
CA ASN A 36 -0.05 -2.60 7.18
C ASN A 36 -1.19 -3.58 7.09
N THR A 37 -0.89 -4.84 7.30
CA THR A 37 -1.86 -5.91 7.08
C THR A 37 -2.92 -5.95 8.18
N SER A 38 -2.66 -5.24 9.26
CA SER A 38 -3.58 -5.18 10.38
C SER A 38 -4.52 -3.98 10.27
N ASP A 39 -4.28 -3.14 9.27
CA ASP A 39 -5.06 -1.92 9.11
C ASP A 39 -6.06 -2.05 7.97
N ASP A 40 -7.14 -1.28 8.05
CA ASP A 40 -8.23 -1.35 7.09
C ASP A 40 -7.87 -0.63 5.79
N PRO A 41 -8.39 -1.10 4.65
CA PRO A 41 -8.08 -0.54 3.34
C PRO A 41 -8.32 0.96 3.25
N TRP A 42 -9.56 1.36 3.44
CA TRP A 42 -9.96 2.75 3.28
C TRP A 42 -9.25 3.65 4.28
N LEU A 43 -8.83 3.08 5.40
CA LEU A 43 -8.09 3.85 6.39
C LEU A 43 -6.64 4.02 5.97
N THR A 44 -5.98 2.90 5.68
CA THR A 44 -4.59 2.90 5.24
C THR A 44 -4.41 3.76 3.99
N ALA A 45 -5.34 3.61 3.07
CA ALA A 45 -5.30 4.33 1.81
C ALA A 45 -5.56 5.81 2.04
N TYR A 46 -6.50 6.10 2.93
CA TYR A 46 -6.83 7.46 3.27
C TYR A 46 -5.63 8.14 3.92
N ASN A 47 -4.96 7.39 4.79
CA ASN A 47 -3.75 7.86 5.46
C ASN A 47 -2.71 8.34 4.46
N PHE A 48 -2.41 7.49 3.48
CA PHE A 48 -1.47 7.86 2.43
C PHE A 48 -2.03 8.99 1.58
N LEU A 49 -3.31 8.93 1.29
CA LEU A 49 -3.96 9.95 0.46
C LEU A 49 -3.84 11.32 1.09
N GLN A 50 -4.06 11.42 2.39
CA GLN A 50 -3.92 12.70 3.08
C GLN A 50 -2.45 13.02 3.36
N LYS A 51 -1.65 11.97 3.47
CA LYS A 51 -0.22 12.09 3.70
C LYS A 51 0.45 12.80 2.53
N ASN A 52 0.06 12.42 1.32
CA ASN A 52 0.67 12.98 0.12
C ASN A 52 -0.23 14.05 -0.49
N ASP A 53 -1.43 14.17 0.08
CA ASP A 53 -2.46 15.09 -0.40
C ASP A 53 -2.92 14.70 -1.81
N LEU A 54 -3.47 13.51 -1.91
CA LEU A 54 -3.98 12.99 -3.17
C LEU A 54 -5.49 13.18 -3.24
N ASN A 55 -6.04 12.97 -4.41
CA ASN A 55 -7.48 13.07 -4.62
C ASN A 55 -8.16 11.81 -4.07
N PRO A 56 -9.26 11.99 -3.31
CA PRO A 56 -10.01 10.89 -2.69
C PRO A 56 -10.46 9.83 -3.70
N MET A 57 -10.42 10.20 -4.97
CA MET A 57 -10.71 9.28 -6.06
C MET A 57 -9.77 8.07 -6.03
N PHE A 58 -8.58 8.28 -5.48
CA PHE A 58 -7.56 7.24 -5.48
C PHE A 58 -7.80 6.25 -4.36
N LEU A 59 -8.57 6.68 -3.37
CA LEU A 59 -8.77 5.93 -2.12
C LEU A 59 -9.24 4.50 -2.36
N ASP A 60 -10.21 4.32 -3.25
CA ASP A 60 -10.72 2.97 -3.53
C ASP A 60 -9.64 2.09 -4.16
N GLN A 61 -8.88 2.64 -5.10
CA GLN A 61 -7.87 1.88 -5.81
C GLN A 61 -6.79 1.37 -4.85
N VAL A 62 -6.24 2.28 -4.04
CA VAL A 62 -5.21 1.92 -3.08
C VAL A 62 -5.76 0.97 -2.03
N ALA A 63 -6.97 1.24 -1.56
CA ALA A 63 -7.62 0.41 -0.56
C ALA A 63 -7.90 -0.98 -1.08
N LYS A 64 -8.29 -1.09 -2.35
CA LYS A 64 -8.57 -2.39 -2.94
C LYS A 64 -7.30 -3.21 -3.14
N PHE A 65 -6.17 -2.55 -3.34
CA PHE A 65 -4.90 -3.27 -3.41
C PHE A 65 -4.54 -3.77 -2.01
N ILE A 66 -4.75 -2.92 -1.02
CA ILE A 66 -4.63 -3.29 0.38
C ILE A 66 -5.49 -4.53 0.66
N ILE A 67 -6.75 -4.43 0.26
CA ILE A 67 -7.72 -5.50 0.37
C ILE A 67 -7.29 -6.73 -0.40
N ASP A 68 -6.75 -6.54 -1.58
CA ASP A 68 -6.35 -7.64 -2.43
C ASP A 68 -5.24 -8.45 -1.77
N ASN A 69 -4.34 -7.75 -1.07
CA ASN A 69 -3.23 -8.42 -0.41
C ASN A 69 -3.70 -9.12 0.87
N THR A 70 -4.63 -8.50 1.60
CA THR A 70 -5.18 -9.11 2.82
C THR A 70 -6.11 -10.27 2.45
N LYS A 71 -6.74 -10.15 1.29
CA LYS A 71 -7.50 -11.24 0.69
C LYS A 71 -6.55 -12.37 0.30
N GLY A 72 -5.86 -12.13 -0.80
CA GLY A 72 -4.81 -13.00 -1.25
C GLY A 72 -4.14 -12.39 -2.46
N GLN A 73 -2.87 -12.04 -2.31
CA GLN A 73 -2.11 -11.33 -3.33
C GLN A 73 -2.31 -11.95 -4.71
N MET A 74 -3.25 -11.37 -5.48
CA MET A 74 -3.63 -11.85 -6.81
C MET A 74 -4.36 -13.20 -6.75
N LEU A 75 -3.69 -14.21 -6.22
CA LEU A 75 -4.24 -15.55 -6.16
C LEU A 75 -4.88 -15.81 -4.81
N GLY A 76 -4.05 -15.73 -3.78
CA GLY A 76 -4.48 -16.01 -2.44
C GLY A 76 -3.31 -16.12 -1.50
N LEU A 77 -3.53 -15.81 -0.23
CA LEU A 77 -2.48 -15.93 0.77
C LEU A 77 -2.29 -17.39 1.16
N GLY A 78 -3.11 -17.84 2.08
CA GLY A 78 -3.15 -19.24 2.44
C GLY A 78 -4.46 -19.60 3.08
N ASN A 79 -4.47 -19.58 4.41
CA ASN A 79 -5.68 -19.85 5.18
C ASN A 79 -5.41 -19.61 6.65
N PRO A 80 -6.17 -18.71 7.28
CA PRO A 80 -6.06 -18.43 8.72
C PRO A 80 -6.63 -19.58 9.55
N ALA A 1 15.13 -16.05 3.10
CA ALA A 1 14.13 -15.08 3.63
C ALA A 1 13.47 -14.32 2.48
N ASN A 2 14.27 -13.86 1.54
CA ASN A 2 13.78 -13.06 0.43
C ASN A 2 13.08 -13.92 -0.63
N GLN A 3 11.76 -13.90 -0.61
CA GLN A 3 10.98 -14.51 -1.67
C GLN A 3 10.60 -13.44 -2.68
N GLN A 4 9.73 -12.54 -2.25
CA GLN A 4 9.35 -11.37 -3.03
C GLN A 4 9.98 -10.15 -2.39
N THR A 5 9.71 -9.99 -1.10
CA THR A 5 10.29 -8.92 -0.32
C THR A 5 11.38 -9.47 0.60
N SER A 6 12.38 -8.65 0.87
CA SER A 6 13.48 -9.06 1.73
C SER A 6 13.34 -8.48 3.14
N GLY A 7 12.20 -7.86 3.40
CA GLY A 7 11.97 -7.25 4.70
C GLY A 7 10.90 -6.18 4.64
N LYS A 8 11.14 -5.07 5.32
CA LYS A 8 10.20 -3.98 5.38
C LYS A 8 10.44 -2.98 4.26
N VAL A 9 9.40 -2.24 3.91
CA VAL A 9 9.47 -1.29 2.81
C VAL A 9 9.83 0.09 3.34
N LEU A 10 10.77 0.74 2.67
CA LEU A 10 11.20 2.07 3.08
C LEU A 10 10.60 3.13 2.17
N TYR A 11 9.81 4.01 2.75
CA TYR A 11 9.22 5.12 2.01
C TYR A 11 9.53 6.44 2.73
N GLU A 12 10.21 7.35 2.02
CA GLU A 12 10.57 8.66 2.55
C GLU A 12 11.42 8.58 3.81
N GLY A 13 12.01 7.41 4.04
CA GLY A 13 12.85 7.21 5.20
C GLY A 13 12.15 6.44 6.31
N LYS A 14 10.87 6.15 6.13
CA LYS A 14 10.11 5.38 7.10
C LYS A 14 9.92 3.96 6.60
N GLU A 15 9.82 3.02 7.51
CA GLU A 15 9.63 1.62 7.14
C GLU A 15 8.24 1.14 7.50
N PHE A 16 7.66 0.34 6.62
CA PHE A 16 6.34 -0.23 6.81
C PHE A 16 6.31 -1.67 6.36
N ASP A 17 5.21 -2.37 6.64
CA ASP A 17 5.07 -3.77 6.26
C ASP A 17 5.17 -3.91 4.75
N TYR A 18 4.14 -3.45 4.05
CA TYR A 18 4.11 -3.48 2.61
C TYR A 18 3.50 -2.20 2.04
N VAL A 19 4.36 -1.29 1.57
CA VAL A 19 3.86 -0.10 0.91
C VAL A 19 3.69 -0.39 -0.57
N PHE A 20 2.61 0.09 -1.15
CA PHE A 20 2.30 -0.17 -2.55
C PHE A 20 2.91 0.91 -3.43
N SER A 21 3.36 0.53 -4.60
CA SER A 21 3.94 1.47 -5.53
C SER A 21 2.90 1.85 -6.58
N ILE A 22 2.55 3.13 -6.58
CA ILE A 22 1.48 3.62 -7.42
C ILE A 22 2.03 4.39 -8.61
N ASP A 23 1.69 3.92 -9.80
CA ASP A 23 2.11 4.56 -11.03
C ASP A 23 1.20 5.74 -11.35
N VAL A 24 1.77 6.77 -11.96
CA VAL A 24 1.00 7.94 -12.35
C VAL A 24 1.74 8.73 -13.45
N ASN A 25 3.03 8.97 -13.23
CA ASN A 25 3.85 9.67 -14.21
C ASN A 25 4.93 8.73 -14.75
N GLU A 26 4.91 8.50 -16.06
CA GLU A 26 5.88 7.62 -16.71
C GLU A 26 7.30 8.18 -16.54
N GLY A 27 8.12 7.46 -15.80
CA GLY A 27 9.47 7.92 -15.55
C GLY A 27 9.47 9.16 -14.69
N GLY A 28 8.58 9.17 -13.71
CA GLY A 28 8.40 10.34 -12.87
C GLY A 28 7.99 9.96 -11.47
N PRO A 29 7.50 10.93 -10.68
CA PRO A 29 7.11 10.72 -9.29
C PRO A 29 6.13 9.56 -9.13
N SER A 30 6.41 8.71 -8.16
CA SER A 30 5.54 7.57 -7.89
C SER A 30 5.01 7.63 -6.46
N TYR A 31 3.80 7.15 -6.27
CA TYR A 31 3.15 7.19 -4.97
C TYR A 31 3.41 5.88 -4.24
N LYS A 32 3.58 5.94 -2.93
CA LYS A 32 3.77 4.72 -2.16
C LYS A 32 2.72 4.62 -1.06
N LEU A 33 2.07 3.48 -0.96
CA LEU A 33 0.98 3.28 -0.01
C LEU A 33 1.40 2.31 1.10
N PRO A 34 1.96 2.83 2.18
CA PRO A 34 2.38 2.02 3.33
C PRO A 34 1.23 1.29 4.02
N TYR A 35 1.24 -0.03 3.91
CA TYR A 35 0.17 -0.85 4.47
C TYR A 35 0.72 -1.85 5.49
N ASN A 36 0.16 -1.83 6.69
CA ASN A 36 0.45 -2.85 7.69
C ASN A 36 -0.66 -3.87 7.65
N THR A 37 -0.32 -5.14 7.82
CA THR A 37 -1.28 -6.22 7.56
C THR A 37 -2.44 -6.23 8.55
N SER A 38 -2.37 -5.39 9.57
CA SER A 38 -3.43 -5.30 10.56
C SER A 38 -4.26 -4.03 10.34
N ASP A 39 -4.05 -3.37 9.21
CA ASP A 39 -4.79 -2.13 8.92
C ASP A 39 -5.87 -2.37 7.88
N ASP A 40 -6.91 -1.54 7.94
CA ASP A 40 -8.04 -1.65 7.01
C ASP A 40 -7.73 -0.88 5.73
N PRO A 41 -8.28 -1.32 4.60
CA PRO A 41 -8.05 -0.68 3.30
C PRO A 41 -8.39 0.80 3.31
N TRP A 42 -9.66 1.09 3.57
CA TRP A 42 -10.15 2.46 3.52
C TRP A 42 -9.40 3.36 4.50
N LEU A 43 -8.87 2.78 5.58
CA LEU A 43 -8.10 3.54 6.55
C LEU A 43 -6.69 3.78 6.02
N THR A 44 -6.00 2.70 5.68
CA THR A 44 -4.63 2.79 5.17
C THR A 44 -4.54 3.72 3.97
N ALA A 45 -5.50 3.58 3.07
CA ALA A 45 -5.52 4.36 1.86
C ALA A 45 -5.83 5.82 2.18
N TYR A 46 -6.74 6.02 3.13
CA TYR A 46 -7.11 7.35 3.56
C TYR A 46 -5.91 8.05 4.21
N ASN A 47 -5.15 7.27 4.98
CA ASN A 47 -3.91 7.77 5.59
C ASN A 47 -2.97 8.34 4.54
N PHE A 48 -2.68 7.54 3.53
CA PHE A 48 -1.79 7.96 2.47
C PHE A 48 -2.40 9.10 1.66
N LEU A 49 -3.71 9.03 1.46
CA LEU A 49 -4.41 10.06 0.71
C LEU A 49 -4.29 11.40 1.41
N GLN A 50 -4.30 11.39 2.74
CA GLN A 50 -4.09 12.61 3.50
C GLN A 50 -2.60 12.93 3.58
N LYS A 51 -1.78 11.89 3.67
CA LYS A 51 -0.33 12.03 3.77
C LYS A 51 0.24 12.76 2.56
N ASN A 52 -0.22 12.40 1.37
CA ASN A 52 0.30 13.00 0.15
C ASN A 52 -0.64 14.10 -0.36
N ASP A 53 -1.77 14.22 0.33
CA ASP A 53 -2.84 15.15 -0.04
C ASP A 53 -3.39 14.81 -1.43
N LEU A 54 -3.97 13.63 -1.55
CA LEU A 54 -4.53 13.17 -2.81
C LEU A 54 -6.03 13.39 -2.85
N ASN A 55 -6.60 13.11 -4.00
CA ASN A 55 -8.03 13.18 -4.22
C ASN A 55 -8.71 11.96 -3.59
N PRO A 56 -9.80 12.20 -2.85
CA PRO A 56 -10.58 11.15 -2.17
C PRO A 56 -11.09 10.09 -3.15
N MET A 57 -11.04 10.43 -4.43
CA MET A 57 -11.41 9.52 -5.51
C MET A 57 -10.45 8.34 -5.60
N PHE A 58 -9.24 8.53 -5.09
CA PHE A 58 -8.20 7.52 -5.18
C PHE A 58 -8.38 6.46 -4.10
N LEU A 59 -9.11 6.83 -3.05
CA LEU A 59 -9.25 6.02 -1.84
C LEU A 59 -9.69 4.60 -2.15
N ASP A 60 -10.68 4.43 -3.02
CA ASP A 60 -11.17 3.10 -3.36
C ASP A 60 -10.08 2.27 -4.04
N GLN A 61 -9.40 2.89 -5.00
CA GLN A 61 -8.37 2.22 -5.79
C GLN A 61 -7.27 1.67 -4.89
N VAL A 62 -6.70 2.55 -4.07
CA VAL A 62 -5.61 2.17 -3.19
C VAL A 62 -6.08 1.17 -2.14
N ALA A 63 -7.26 1.40 -1.57
CA ALA A 63 -7.83 0.52 -0.56
C ALA A 63 -8.08 -0.88 -1.10
N LYS A 64 -8.56 -0.96 -2.33
CA LYS A 64 -8.84 -2.24 -2.95
C LYS A 64 -7.56 -3.03 -3.17
N PHE A 65 -6.48 -2.35 -3.56
CA PHE A 65 -5.21 -3.03 -3.70
C PHE A 65 -4.71 -3.49 -2.33
N ILE A 66 -4.93 -2.65 -1.32
CA ILE A 66 -4.64 -3.02 0.06
C ILE A 66 -5.31 -4.34 0.40
N ILE A 67 -6.60 -4.42 0.10
CA ILE A 67 -7.37 -5.64 0.31
C ILE A 67 -6.75 -6.81 -0.44
N ASP A 68 -6.50 -6.61 -1.73
CA ASP A 68 -5.96 -7.69 -2.57
C ASP A 68 -4.62 -8.21 -2.06
N ASN A 69 -3.91 -7.40 -1.29
CA ASN A 69 -2.61 -7.81 -0.75
C ASN A 69 -2.78 -8.88 0.34
N THR A 70 -3.85 -8.76 1.13
CA THR A 70 -4.13 -9.73 2.18
C THR A 70 -5.20 -10.72 1.75
N LYS A 71 -6.05 -10.30 0.83
CA LYS A 71 -7.10 -11.15 0.28
C LYS A 71 -6.48 -12.27 -0.57
N GLY A 72 -6.04 -11.94 -1.77
CA GLY A 72 -5.32 -12.88 -2.59
C GLY A 72 -4.78 -12.24 -3.85
N GLN A 73 -3.55 -12.57 -4.22
CA GLN A 73 -2.92 -11.99 -5.41
C GLN A 73 -3.38 -12.70 -6.67
N MET A 74 -4.69 -12.81 -6.83
CA MET A 74 -5.33 -13.46 -7.97
C MET A 74 -6.84 -13.46 -7.77
N LEU A 75 -7.23 -13.86 -6.55
CA LEU A 75 -8.62 -13.86 -6.11
C LEU A 75 -8.63 -13.88 -4.60
N GLY A 76 -8.17 -15.01 -4.06
CA GLY A 76 -8.00 -15.16 -2.63
C GLY A 76 -7.22 -16.42 -2.34
N LEU A 77 -6.41 -16.43 -1.29
CA LEU A 77 -5.64 -17.61 -0.96
C LEU A 77 -6.08 -18.20 0.37
N GLY A 78 -5.73 -19.45 0.60
CA GLY A 78 -6.12 -20.13 1.81
C GLY A 78 -6.01 -21.63 1.65
N ASN A 79 -6.00 -22.33 2.79
CA ASN A 79 -5.86 -23.80 2.90
C ASN A 79 -4.47 -24.20 3.42
N PRO A 80 -3.36 -23.79 2.77
CA PRO A 80 -2.02 -24.00 3.33
C PRO A 80 -1.83 -23.24 4.64
N ALA A 1 17.06 -17.00 -2.17
CA ALA A 1 16.89 -16.78 -0.73
C ALA A 1 15.61 -17.43 -0.25
N ASN A 2 15.72 -18.25 0.79
CA ASN A 2 14.57 -18.93 1.34
C ASN A 2 14.06 -18.20 2.58
N GLN A 3 14.98 -17.53 3.26
CA GLN A 3 14.67 -16.77 4.46
C GLN A 3 15.67 -15.62 4.62
N GLN A 4 15.63 -14.99 5.78
CA GLN A 4 16.51 -13.86 6.10
C GLN A 4 16.22 -12.67 5.17
N THR A 5 14.94 -12.40 5.00
CA THR A 5 14.52 -11.22 4.28
C THR A 5 13.66 -10.36 5.21
N SER A 6 13.84 -9.05 5.10
CA SER A 6 13.25 -8.10 6.02
C SER A 6 11.73 -8.10 5.95
N GLY A 7 11.19 -8.29 4.76
CA GLY A 7 9.76 -8.34 4.57
C GLY A 7 9.10 -6.98 4.74
N LYS A 8 9.92 -5.96 4.90
CA LYS A 8 9.44 -4.61 5.09
C LYS A 8 9.82 -3.73 3.91
N VAL A 9 8.91 -2.86 3.51
CA VAL A 9 9.13 -1.97 2.38
C VAL A 9 9.69 -0.64 2.86
N LEU A 10 10.76 -0.19 2.22
CA LEU A 10 11.32 1.10 2.54
C LEU A 10 10.75 2.15 1.57
N TYR A 11 9.94 3.04 2.09
CA TYR A 11 9.34 4.10 1.30
C TYR A 11 9.83 5.45 1.81
N GLU A 12 10.51 6.19 0.96
CA GLU A 12 10.94 7.56 1.26
C GLU A 12 11.86 7.61 2.49
N GLY A 13 12.37 6.45 2.87
CA GLY A 13 13.27 6.38 4.00
C GLY A 13 12.64 5.75 5.24
N LYS A 14 11.36 5.43 5.17
CA LYS A 14 10.68 4.75 6.28
C LYS A 14 10.30 3.33 5.86
N GLU A 15 10.24 2.44 6.82
CA GLU A 15 9.86 1.06 6.54
C GLU A 15 8.45 0.77 6.99
N PHE A 16 7.73 0.03 6.15
CA PHE A 16 6.40 -0.45 6.48
C PHE A 16 6.24 -1.89 6.05
N ASP A 17 5.13 -2.50 6.43
CA ASP A 17 4.85 -3.89 6.08
C ASP A 17 4.83 -4.05 4.56
N TYR A 18 3.79 -3.54 3.93
CA TYR A 18 3.67 -3.58 2.48
C TYR A 18 3.17 -2.26 1.94
N VAL A 19 4.05 -1.47 1.35
CA VAL A 19 3.63 -0.23 0.72
C VAL A 19 3.42 -0.46 -0.77
N PHE A 20 2.39 0.16 -1.31
CA PHE A 20 2.06 0.01 -2.71
C PHE A 20 2.75 1.09 -3.53
N SER A 21 3.16 0.76 -4.74
CA SER A 21 3.82 1.71 -5.59
C SER A 21 2.85 2.23 -6.63
N ILE A 22 2.59 3.53 -6.56
CA ILE A 22 1.61 4.16 -7.43
C ILE A 22 2.30 5.09 -8.39
N ASP A 23 2.20 4.79 -9.68
CA ASP A 23 2.75 5.66 -10.70
C ASP A 23 1.61 6.32 -11.46
N VAL A 24 1.51 7.63 -11.31
CA VAL A 24 0.55 8.40 -12.05
C VAL A 24 1.31 9.39 -12.94
N ASN A 25 2.50 9.75 -12.48
CA ASN A 25 3.44 10.48 -13.30
C ASN A 25 4.56 9.54 -13.69
N GLU A 26 4.59 9.15 -14.95
CA GLU A 26 5.56 8.18 -15.43
C GLU A 26 6.93 8.83 -15.59
N GLY A 27 7.89 8.36 -14.80
CA GLY A 27 9.22 8.92 -14.85
C GLY A 27 9.38 10.06 -13.88
N GLY A 28 8.64 9.99 -12.78
CA GLY A 28 8.71 11.02 -11.76
C GLY A 28 8.59 10.42 -10.38
N PRO A 29 8.37 11.24 -9.34
CA PRO A 29 8.22 10.74 -7.99
C PRO A 29 7.01 9.82 -7.87
N SER A 30 7.21 8.67 -7.25
CA SER A 30 6.17 7.67 -7.14
C SER A 30 5.45 7.81 -5.81
N TYR A 31 4.17 7.45 -5.82
CA TYR A 31 3.35 7.48 -4.62
C TYR A 31 3.37 6.12 -3.97
N LYS A 32 3.79 6.05 -2.73
CA LYS A 32 3.86 4.76 -2.06
C LYS A 32 2.83 4.69 -0.96
N LEU A 33 2.09 3.59 -0.92
CA LEU A 33 1.01 3.41 0.05
C LEU A 33 1.42 2.39 1.10
N PRO A 34 2.04 2.84 2.18
CA PRO A 34 2.45 1.97 3.29
C PRO A 34 1.27 1.36 4.02
N TYR A 35 1.20 0.05 3.99
CA TYR A 35 0.13 -0.67 4.64
C TYR A 35 0.67 -1.64 5.68
N ASN A 36 0.19 -1.48 6.91
CA ASN A 36 0.43 -2.45 7.98
C ASN A 36 -0.77 -3.36 8.07
N THR A 37 -0.56 -4.65 8.21
CA THR A 37 -1.60 -5.64 7.99
C THR A 37 -2.72 -5.62 9.05
N SER A 38 -2.54 -4.83 10.08
CA SER A 38 -3.55 -4.70 11.13
C SER A 38 -4.54 -3.56 10.82
N ASP A 39 -4.22 -2.79 9.79
CA ASP A 39 -4.99 -1.58 9.46
C ASP A 39 -6.02 -1.88 8.37
N ASP A 40 -7.09 -1.08 8.33
CA ASP A 40 -8.18 -1.30 7.37
C ASP A 40 -7.89 -0.59 6.06
N PRO A 41 -8.31 -1.17 4.92
CA PRO A 41 -8.01 -0.62 3.58
C PRO A 41 -8.41 0.84 3.45
N TRP A 42 -9.70 1.09 3.62
CA TRP A 42 -10.24 2.43 3.44
C TRP A 42 -9.61 3.42 4.41
N LEU A 43 -9.12 2.93 5.54
CA LEU A 43 -8.43 3.79 6.51
C LEU A 43 -7.00 4.06 6.09
N THR A 44 -6.24 2.98 5.85
CA THR A 44 -4.85 3.08 5.40
C THR A 44 -4.75 3.95 4.16
N ALA A 45 -5.65 3.72 3.23
CA ALA A 45 -5.65 4.40 1.96
C ALA A 45 -6.06 5.86 2.14
N TYR A 46 -7.04 6.10 2.99
CA TYR A 46 -7.54 7.44 3.25
C TYR A 46 -6.44 8.26 3.91
N ASN A 47 -5.74 7.64 4.85
CA ASN A 47 -4.63 8.29 5.55
C ASN A 47 -3.56 8.75 4.57
N PHE A 48 -3.14 7.85 3.69
CA PHE A 48 -2.15 8.18 2.66
C PHE A 48 -2.69 9.23 1.71
N LEU A 49 -3.95 9.08 1.32
CA LEU A 49 -4.58 9.97 0.37
C LEU A 49 -4.55 11.42 0.86
N GLN A 50 -5.00 11.64 2.08
CA GLN A 50 -5.01 12.99 2.64
C GLN A 50 -3.59 13.44 2.99
N LYS A 51 -2.71 12.48 3.25
CA LYS A 51 -1.33 12.78 3.63
C LYS A 51 -0.56 13.33 2.44
N ASN A 52 -0.73 12.71 1.29
CA ASN A 52 0.04 13.09 0.11
C ASN A 52 -0.79 13.96 -0.81
N ASP A 53 -1.95 14.36 -0.30
CA ASP A 53 -2.89 15.24 -1.02
C ASP A 53 -3.32 14.62 -2.34
N LEU A 54 -3.84 13.40 -2.28
CA LEU A 54 -4.33 12.72 -3.47
C LEU A 54 -5.84 12.87 -3.53
N ASN A 55 -6.38 12.63 -4.71
CA ASN A 55 -7.82 12.69 -4.94
C ASN A 55 -8.49 11.50 -4.29
N PRO A 56 -9.58 11.74 -3.53
CA PRO A 56 -10.38 10.70 -2.87
C PRO A 56 -10.86 9.64 -3.86
N MET A 57 -10.79 9.96 -5.14
CA MET A 57 -11.09 9.01 -6.21
C MET A 57 -10.13 7.82 -6.18
N PHE A 58 -8.96 8.03 -5.57
CA PHE A 58 -7.93 7.00 -5.54
C PHE A 58 -8.16 6.04 -4.39
N LEU A 59 -8.97 6.46 -3.43
CA LEU A 59 -9.17 5.74 -2.17
C LEU A 59 -9.58 4.29 -2.40
N ASP A 60 -10.44 4.06 -3.37
CA ASP A 60 -10.89 2.70 -3.64
C ASP A 60 -9.73 1.85 -4.18
N GLN A 61 -9.02 2.37 -5.16
CA GLN A 61 -7.92 1.66 -5.80
C GLN A 61 -6.86 1.23 -4.77
N VAL A 62 -6.41 2.18 -3.96
CA VAL A 62 -5.38 1.92 -2.98
C VAL A 62 -5.87 0.93 -1.92
N ALA A 63 -7.10 1.13 -1.46
CA ALA A 63 -7.68 0.28 -0.43
C ALA A 63 -7.87 -1.15 -0.91
N LYS A 64 -8.31 -1.31 -2.15
CA LYS A 64 -8.53 -2.62 -2.71
C LYS A 64 -7.22 -3.37 -2.94
N PHE A 65 -6.14 -2.64 -3.19
CA PHE A 65 -4.83 -3.26 -3.27
C PHE A 65 -4.37 -3.69 -1.89
N ILE A 66 -4.63 -2.82 -0.90
CA ILE A 66 -4.42 -3.15 0.49
C ILE A 66 -5.09 -4.48 0.84
N ILE A 67 -6.36 -4.58 0.48
CA ILE A 67 -7.11 -5.80 0.70
C ILE A 67 -6.50 -6.97 -0.04
N ASP A 68 -6.20 -6.78 -1.32
CA ASP A 68 -5.67 -7.86 -2.14
C ASP A 68 -4.39 -8.42 -1.52
N ASN A 69 -3.59 -7.55 -0.93
CA ASN A 69 -2.35 -7.97 -0.27
C ASN A 69 -2.63 -8.90 0.91
N THR A 70 -3.72 -8.67 1.62
CA THR A 70 -4.04 -9.46 2.80
C THR A 70 -4.99 -10.61 2.49
N LYS A 71 -5.92 -10.39 1.56
CA LYS A 71 -6.86 -11.43 1.15
C LYS A 71 -6.13 -12.48 0.33
N GLY A 72 -5.07 -12.05 -0.33
CA GLY A 72 -4.25 -12.94 -1.13
C GLY A 72 -3.99 -12.34 -2.49
N GLN A 73 -2.71 -12.16 -2.81
CA GLN A 73 -2.31 -11.47 -4.03
C GLN A 73 -2.92 -12.13 -5.26
N MET A 74 -3.82 -11.39 -5.92
CA MET A 74 -4.59 -11.88 -7.05
C MET A 74 -5.62 -12.92 -6.61
N LEU A 75 -5.15 -14.04 -6.11
CA LEU A 75 -6.02 -15.12 -5.68
C LEU A 75 -6.24 -15.07 -4.17
N GLY A 76 -5.32 -15.68 -3.44
CA GLY A 76 -5.46 -15.78 -2.00
C GLY A 76 -6.65 -16.62 -1.60
N LEU A 77 -7.32 -16.22 -0.52
CA LEU A 77 -8.48 -16.94 0.00
C LEU A 77 -8.11 -18.38 0.34
N GLY A 78 -9.11 -19.26 0.36
CA GLY A 78 -8.88 -20.63 0.73
C GLY A 78 -8.50 -20.78 2.18
N ASN A 79 -9.25 -20.08 3.05
CA ASN A 79 -8.98 -20.10 4.48
C ASN A 79 -10.20 -20.62 5.23
N PRO A 80 -10.31 -21.94 5.39
CA PRO A 80 -11.40 -22.56 6.12
C PRO A 80 -11.15 -22.51 7.63
N ALA A 1 23.82 -5.04 -0.11
CA ALA A 1 23.46 -6.39 0.35
C ALA A 1 22.04 -6.74 -0.10
N ASN A 2 21.06 -6.33 0.69
CA ASN A 2 19.66 -6.60 0.36
C ASN A 2 19.18 -5.66 -0.73
N GLN A 3 19.12 -6.17 -1.96
CA GLN A 3 18.66 -5.39 -3.09
C GLN A 3 17.16 -5.56 -3.25
N GLN A 4 16.67 -6.75 -2.91
CA GLN A 4 15.25 -7.04 -2.94
C GLN A 4 14.77 -7.51 -1.57
N THR A 5 14.28 -6.58 -0.77
CA THR A 5 13.79 -6.90 0.56
C THR A 5 12.29 -7.18 0.52
N SER A 6 11.94 -8.46 0.32
CA SER A 6 10.54 -8.86 0.27
C SER A 6 10.00 -9.10 1.67
N GLY A 7 10.05 -8.07 2.49
CA GLY A 7 9.53 -8.13 3.84
C GLY A 7 8.88 -6.83 4.23
N LYS A 8 9.55 -6.06 5.05
CA LYS A 8 9.11 -4.73 5.39
C LYS A 8 9.71 -3.72 4.41
N VAL A 9 8.86 -2.81 3.95
CA VAL A 9 9.23 -1.87 2.91
C VAL A 9 9.74 -0.57 3.52
N LEU A 10 10.89 -0.12 3.04
CA LEU A 10 11.43 1.15 3.46
C LEU A 10 11.02 2.25 2.49
N TYR A 11 10.21 3.18 2.97
CA TYR A 11 9.79 4.30 2.14
C TYR A 11 10.28 5.62 2.74
N GLU A 12 11.21 6.26 2.05
CA GLU A 12 11.76 7.56 2.45
C GLU A 12 12.31 7.54 3.87
N GLY A 13 12.66 6.37 4.33
CA GLY A 13 13.30 6.23 5.63
C GLY A 13 12.46 5.47 6.63
N LYS A 14 11.15 5.42 6.43
CA LYS A 14 10.27 4.71 7.36
C LYS A 14 10.02 3.30 6.85
N GLU A 15 9.80 2.37 7.78
CA GLU A 15 9.56 0.98 7.42
C GLU A 15 8.13 0.58 7.70
N PHE A 16 7.48 0.03 6.68
CA PHE A 16 6.12 -0.47 6.80
C PHE A 16 6.04 -1.91 6.35
N ASP A 17 4.89 -2.53 6.57
CA ASP A 17 4.70 -3.92 6.14
C ASP A 17 4.86 -4.02 4.63
N TYR A 18 3.87 -3.50 3.92
CA TYR A 18 3.85 -3.57 2.47
C TYR A 18 3.34 -2.27 1.89
N VAL A 19 4.25 -1.42 1.43
CA VAL A 19 3.84 -0.18 0.79
C VAL A 19 3.60 -0.44 -0.69
N PHE A 20 2.53 0.14 -1.22
CA PHE A 20 2.15 -0.06 -2.60
C PHE A 20 2.80 1.00 -3.48
N SER A 21 3.06 0.66 -4.73
CA SER A 21 3.67 1.60 -5.64
C SER A 21 2.62 2.19 -6.57
N ILE A 22 2.45 3.49 -6.47
CA ILE A 22 1.45 4.20 -7.24
C ILE A 22 2.05 4.78 -8.51
N ASP A 23 1.53 4.34 -9.64
CA ASP A 23 1.94 4.88 -10.93
C ASP A 23 0.93 5.91 -11.39
N VAL A 24 1.42 7.06 -11.81
CA VAL A 24 0.55 8.14 -12.25
C VAL A 24 1.28 9.03 -13.26
N ASN A 25 2.49 9.43 -12.92
CA ASN A 25 3.33 10.17 -13.85
C ASN A 25 4.58 9.37 -14.15
N GLU A 26 4.65 8.83 -15.35
CA GLU A 26 5.82 8.07 -15.77
C GLU A 26 6.86 9.04 -16.30
N GLY A 27 8.04 9.03 -15.69
CA GLY A 27 9.02 10.05 -15.96
C GLY A 27 8.90 11.17 -14.95
N GLY A 28 8.24 10.85 -13.84
CA GLY A 28 8.04 11.80 -12.77
C GLY A 28 8.05 11.10 -11.42
N PRO A 29 7.62 11.79 -10.35
CA PRO A 29 7.63 11.20 -9.01
C PRO A 29 6.59 10.09 -8.85
N SER A 30 7.01 8.98 -8.27
CA SER A 30 6.12 7.88 -8.00
C SER A 30 5.63 7.95 -6.54
N TYR A 31 4.44 7.43 -6.29
CA TYR A 31 3.87 7.48 -4.95
C TYR A 31 3.92 6.11 -4.31
N LYS A 32 4.10 6.05 -3.00
CA LYS A 32 4.09 4.78 -2.30
C LYS A 32 3.02 4.78 -1.22
N LEU A 33 2.33 3.66 -1.07
CA LEU A 33 1.24 3.54 -0.13
C LEU A 33 1.62 2.55 0.97
N PRO A 34 2.27 3.02 2.03
CA PRO A 34 2.64 2.18 3.16
C PRO A 34 1.44 1.54 3.87
N TYR A 35 1.33 0.24 3.73
CA TYR A 35 0.27 -0.52 4.36
C TYR A 35 0.83 -1.39 5.46
N ASN A 36 0.26 -1.26 6.66
CA ASN A 36 0.57 -2.17 7.75
C ASN A 36 -0.55 -3.18 7.85
N THR A 37 -0.19 -4.45 7.95
CA THR A 37 -1.14 -5.54 7.76
C THR A 37 -2.25 -5.59 8.80
N SER A 38 -2.11 -4.83 9.86
CA SER A 38 -3.13 -4.82 10.91
C SER A 38 -4.03 -3.58 10.77
N ASP A 39 -3.84 -2.84 9.70
CA ASP A 39 -4.60 -1.62 9.46
C ASP A 39 -5.66 -1.84 8.40
N ASP A 40 -6.73 -1.06 8.45
CA ASP A 40 -7.84 -1.20 7.51
C ASP A 40 -7.52 -0.54 6.17
N PRO A 41 -8.02 -1.10 5.07
CA PRO A 41 -7.74 -0.57 3.72
C PRO A 41 -8.09 0.89 3.57
N TRP A 42 -9.37 1.20 3.76
CA TRP A 42 -9.89 2.54 3.57
C TRP A 42 -9.20 3.53 4.50
N LEU A 43 -8.69 3.05 5.63
CA LEU A 43 -7.96 3.89 6.55
C LEU A 43 -6.54 4.13 6.06
N THR A 44 -5.85 3.04 5.73
CA THR A 44 -4.48 3.11 5.23
C THR A 44 -4.40 3.97 3.97
N ALA A 45 -5.34 3.73 3.07
CA ALA A 45 -5.37 4.42 1.80
C ALA A 45 -5.75 5.88 2.00
N TYR A 46 -6.67 6.11 2.93
CA TYR A 46 -7.12 7.46 3.25
C TYR A 46 -5.96 8.25 3.86
N ASN A 47 -5.20 7.59 4.73
CA ASN A 47 -4.04 8.17 5.38
C ASN A 47 -3.06 8.69 4.34
N PHE A 48 -2.77 7.87 3.35
CA PHE A 48 -1.87 8.26 2.27
C PHE A 48 -2.53 9.32 1.40
N LEU A 49 -3.82 9.18 1.16
CA LEU A 49 -4.56 10.12 0.33
C LEU A 49 -4.56 11.53 0.95
N GLN A 50 -4.75 11.61 2.26
CA GLN A 50 -4.69 12.91 2.95
C GLN A 50 -3.25 13.39 3.06
N LYS A 51 -2.34 12.44 3.25
CA LYS A 51 -0.93 12.75 3.44
C LYS A 51 -0.33 13.42 2.21
N ASN A 52 -0.66 12.90 1.04
CA ASN A 52 -0.09 13.43 -0.19
C ASN A 52 -1.09 14.35 -0.88
N ASP A 53 -2.27 14.44 -0.28
CA ASP A 53 -3.39 15.25 -0.80
C ASP A 53 -3.80 14.76 -2.19
N LEU A 54 -4.29 13.53 -2.23
CA LEU A 54 -4.74 12.93 -3.48
C LEU A 54 -6.25 13.02 -3.61
N ASN A 55 -6.75 12.59 -4.76
CA ASN A 55 -8.17 12.57 -5.04
C ASN A 55 -8.81 11.38 -4.33
N PRO A 56 -9.95 11.59 -3.66
CA PRO A 56 -10.69 10.55 -2.95
C PRO A 56 -11.09 9.40 -3.89
N MET A 57 -11.02 9.66 -5.19
CA MET A 57 -11.28 8.65 -6.20
C MET A 57 -10.23 7.55 -6.16
N PHE A 58 -9.09 7.84 -5.54
CA PHE A 58 -8.00 6.88 -5.49
C PHE A 58 -8.20 5.91 -4.34
N LEU A 59 -8.98 6.34 -3.36
CA LEU A 59 -9.12 5.62 -2.08
C LEU A 59 -9.52 4.16 -2.27
N ASP A 60 -10.52 3.90 -3.11
CA ASP A 60 -10.94 2.52 -3.35
C ASP A 60 -9.83 1.72 -4.03
N GLN A 61 -9.19 2.33 -5.01
CA GLN A 61 -8.12 1.68 -5.76
C GLN A 61 -7.00 1.21 -4.85
N VAL A 62 -6.48 2.14 -4.05
CA VAL A 62 -5.39 1.83 -3.14
C VAL A 62 -5.84 0.86 -2.05
N ALA A 63 -7.03 1.08 -1.51
CA ALA A 63 -7.56 0.26 -0.43
C ALA A 63 -7.83 -1.17 -0.89
N LYS A 64 -8.34 -1.31 -2.10
CA LYS A 64 -8.64 -2.64 -2.64
C LYS A 64 -7.36 -3.42 -2.90
N PHE A 65 -6.31 -2.74 -3.32
CA PHE A 65 -5.01 -3.39 -3.49
C PHE A 65 -4.47 -3.79 -2.12
N ILE A 66 -4.62 -2.88 -1.15
CA ILE A 66 -4.30 -3.16 0.23
C ILE A 66 -4.95 -4.48 0.67
N ILE A 67 -6.26 -4.53 0.47
CA ILE A 67 -7.04 -5.72 0.81
C ILE A 67 -6.49 -6.94 0.11
N ASP A 68 -6.32 -6.86 -1.20
CA ASP A 68 -5.89 -8.01 -2.00
C ASP A 68 -4.51 -8.51 -1.58
N ASN A 69 -3.75 -7.68 -0.88
CA ASN A 69 -2.44 -8.08 -0.36
C ASN A 69 -2.58 -9.14 0.73
N THR A 70 -3.57 -8.95 1.61
CA THR A 70 -3.81 -9.89 2.70
C THR A 70 -4.95 -10.86 2.36
N LYS A 71 -5.92 -10.35 1.62
CA LYS A 71 -7.03 -11.13 1.11
C LYS A 71 -6.52 -12.10 0.04
N GLY A 72 -7.20 -13.22 -0.12
CA GLY A 72 -6.85 -14.16 -1.17
C GLY A 72 -6.77 -13.49 -2.52
N GLN A 73 -5.58 -13.49 -3.10
CA GLN A 73 -5.31 -12.75 -4.33
C GLN A 73 -6.34 -13.07 -5.42
N MET A 74 -6.75 -12.02 -6.14
CA MET A 74 -7.74 -12.12 -7.21
C MET A 74 -9.15 -12.29 -6.65
N LEU A 75 -9.41 -13.45 -6.07
CA LEU A 75 -10.74 -13.78 -5.59
C LEU A 75 -10.89 -13.46 -4.12
N GLY A 76 -10.37 -14.34 -3.29
CA GLY A 76 -10.45 -14.16 -1.86
C GLY A 76 -10.30 -15.48 -1.13
N LEU A 77 -10.27 -15.41 0.19
CA LEU A 77 -10.22 -16.63 1.01
C LEU A 77 -11.34 -16.62 2.02
N GLY A 78 -11.28 -17.56 2.94
CA GLY A 78 -12.31 -17.70 3.96
C GLY A 78 -12.05 -18.88 4.85
N ASN A 79 -11.61 -18.62 6.07
CA ASN A 79 -11.27 -19.68 6.99
C ASN A 79 -12.16 -19.63 8.23
N PRO A 80 -13.22 -20.45 8.26
CA PRO A 80 -14.16 -20.52 9.39
C PRO A 80 -13.59 -21.35 10.53
N ALA A 1 22.19 -9.38 11.89
CA ALA A 1 21.86 -10.82 11.91
C ALA A 1 20.90 -11.13 13.05
N ASN A 2 20.53 -12.41 13.15
CA ASN A 2 19.60 -12.90 14.18
C ASN A 2 18.17 -12.46 13.86
N GLN A 3 17.84 -11.24 14.22
CA GLN A 3 16.52 -10.69 13.93
C GLN A 3 16.66 -9.37 13.17
N GLN A 4 17.01 -9.48 11.89
CA GLN A 4 17.14 -8.31 11.04
C GLN A 4 15.78 -7.94 10.45
N THR A 5 15.75 -7.02 9.50
CA THR A 5 14.51 -6.59 8.89
C THR A 5 13.79 -7.75 8.22
N SER A 6 12.52 -7.91 8.57
CA SER A 6 11.72 -9.01 8.04
C SER A 6 10.72 -8.51 6.99
N GLY A 7 11.21 -8.36 5.75
CA GLY A 7 10.34 -8.01 4.64
C GLY A 7 9.57 -6.72 4.84
N LYS A 8 10.29 -5.64 5.09
CA LYS A 8 9.68 -4.34 5.30
C LYS A 8 10.12 -3.37 4.22
N VAL A 9 9.23 -2.44 3.89
CA VAL A 9 9.47 -1.46 2.84
C VAL A 9 9.88 -0.13 3.44
N LEU A 10 10.87 0.50 2.85
CA LEU A 10 11.30 1.82 3.31
C LEU A 10 10.79 2.90 2.36
N TYR A 11 9.94 3.78 2.86
CA TYR A 11 9.43 4.88 2.07
C TYR A 11 9.79 6.21 2.73
N GLU A 12 10.57 7.00 2.01
CA GLU A 12 10.99 8.34 2.46
C GLU A 12 11.64 8.32 3.85
N GLY A 13 12.12 7.15 4.26
CA GLY A 13 12.81 7.03 5.52
C GLY A 13 12.03 6.25 6.56
N LYS A 14 10.74 6.01 6.32
CA LYS A 14 9.94 5.22 7.26
C LYS A 14 9.75 3.82 6.73
N GLU A 15 9.57 2.87 7.63
CA GLU A 15 9.45 1.47 7.25
C GLU A 15 8.03 0.94 7.49
N PHE A 16 7.55 0.17 6.53
CA PHE A 16 6.21 -0.40 6.59
C PHE A 16 6.20 -1.83 6.10
N ASP A 17 5.10 -2.53 6.35
CA ASP A 17 4.93 -3.90 5.88
C ASP A 17 5.05 -3.97 4.36
N TYR A 18 4.04 -3.45 3.69
CA TYR A 18 3.98 -3.45 2.24
C TYR A 18 3.51 -2.10 1.73
N VAL A 19 4.43 -1.23 1.36
CA VAL A 19 4.02 -0.01 0.71
C VAL A 19 3.86 -0.30 -0.79
N PHE A 20 2.75 0.12 -1.34
CA PHE A 20 2.43 -0.16 -2.72
C PHE A 20 2.98 0.92 -3.63
N SER A 21 3.46 0.53 -4.79
CA SER A 21 4.01 1.47 -5.73
C SER A 21 2.98 1.81 -6.78
N ILE A 22 2.58 3.07 -6.79
CA ILE A 22 1.59 3.56 -7.72
C ILE A 22 2.24 4.49 -8.73
N ASP A 23 2.23 4.12 -9.99
CA ASP A 23 2.92 4.87 -11.01
C ASP A 23 1.95 5.62 -11.90
N VAL A 24 2.28 6.84 -12.23
CA VAL A 24 1.41 7.67 -13.05
C VAL A 24 2.22 8.56 -14.00
N ASN A 25 3.26 9.20 -13.49
CA ASN A 25 4.11 10.07 -14.31
C ASN A 25 5.34 9.31 -14.78
N GLU A 26 5.52 9.24 -16.09
CA GLU A 26 6.65 8.52 -16.68
C GLU A 26 7.94 9.30 -16.47
N GLY A 27 8.84 8.73 -15.67
CA GLY A 27 10.07 9.43 -15.33
C GLY A 27 9.84 10.49 -14.27
N GLY A 28 8.68 10.42 -13.63
CA GLY A 28 8.31 11.38 -12.62
C GLY A 28 8.08 10.72 -11.27
N PRO A 29 7.47 11.46 -10.32
CA PRO A 29 7.21 10.96 -8.97
C PRO A 29 6.28 9.75 -8.97
N SER A 30 6.42 8.92 -7.93
CA SER A 30 5.59 7.73 -7.78
C SER A 30 4.87 7.78 -6.44
N TYR A 31 3.69 7.18 -6.39
CA TYR A 31 2.90 7.15 -5.18
C TYR A 31 3.19 5.87 -4.41
N LYS A 32 3.62 5.96 -3.18
CA LYS A 32 3.83 4.76 -2.40
C LYS A 32 2.79 4.69 -1.30
N LEU A 33 2.18 3.53 -1.16
CA LEU A 33 1.10 3.34 -0.20
C LEU A 33 1.55 2.41 0.92
N PRO A 34 2.14 2.96 1.97
CA PRO A 34 2.56 2.18 3.14
C PRO A 34 1.40 1.49 3.82
N TYR A 35 1.38 0.18 3.72
CA TYR A 35 0.28 -0.63 4.19
C TYR A 35 0.76 -1.68 5.18
N ASN A 36 0.16 -1.72 6.37
CA ASN A 36 0.46 -2.76 7.34
C ASN A 36 -0.57 -3.86 7.23
N THR A 37 -0.13 -5.09 7.39
CA THR A 37 -0.98 -6.24 7.19
C THR A 37 -2.06 -6.35 8.28
N SER A 38 -1.90 -5.57 9.33
CA SER A 38 -2.87 -5.53 10.41
C SER A 38 -3.71 -4.26 10.36
N ASP A 39 -3.61 -3.52 9.27
CA ASP A 39 -4.28 -2.22 9.17
C ASP A 39 -5.45 -2.28 8.19
N ASP A 40 -6.43 -1.39 8.37
CA ASP A 40 -7.65 -1.42 7.57
C ASP A 40 -7.49 -0.64 6.28
N PRO A 41 -8.07 -1.14 5.18
CA PRO A 41 -7.86 -0.61 3.83
C PRO A 41 -8.11 0.88 3.71
N TRP A 42 -9.34 1.29 3.97
CA TRP A 42 -9.73 2.67 3.80
C TRP A 42 -8.97 3.58 4.74
N LEU A 43 -8.50 3.05 5.86
CA LEU A 43 -7.75 3.85 6.81
C LEU A 43 -6.32 4.05 6.32
N THR A 44 -5.67 2.94 5.95
CA THR A 44 -4.33 2.98 5.39
C THR A 44 -4.30 3.87 4.14
N ALA A 45 -5.27 3.67 3.27
CA ALA A 45 -5.35 4.37 2.01
C ALA A 45 -5.68 5.84 2.22
N TYR A 46 -6.58 6.11 3.15
CA TYR A 46 -7.00 7.47 3.46
C TYR A 46 -5.81 8.25 4.00
N ASN A 47 -5.01 7.58 4.82
CA ASN A 47 -3.82 8.16 5.41
C ASN A 47 -2.87 8.66 4.32
N PHE A 48 -2.55 7.78 3.38
CA PHE A 48 -1.69 8.14 2.26
C PHE A 48 -2.34 9.19 1.37
N LEU A 49 -3.64 9.05 1.16
CA LEU A 49 -4.38 9.97 0.32
C LEU A 49 -4.29 11.40 0.87
N GLN A 50 -4.47 11.54 2.17
CA GLN A 50 -4.34 12.83 2.83
C GLN A 50 -2.89 13.30 2.81
N LYS A 51 -1.99 12.35 3.01
CA LYS A 51 -0.57 12.62 3.14
C LYS A 51 0.01 13.19 1.85
N ASN A 52 -0.38 12.63 0.71
CA ASN A 52 0.15 13.07 -0.56
C ASN A 52 -0.78 14.10 -1.20
N ASP A 53 -1.90 14.34 -0.51
CA ASP A 53 -2.96 15.23 -1.00
C ASP A 53 -3.55 14.70 -2.30
N LEU A 54 -4.10 13.49 -2.24
CA LEU A 54 -4.75 12.90 -3.39
C LEU A 54 -6.25 13.07 -3.30
N ASN A 55 -6.93 12.75 -4.38
CA ASN A 55 -8.38 12.81 -4.43
C ASN A 55 -8.97 11.59 -3.75
N PRO A 56 -10.05 11.79 -2.99
CA PRO A 56 -10.76 10.70 -2.29
C PRO A 56 -11.24 9.61 -3.24
N MET A 57 -11.26 9.94 -4.53
CA MET A 57 -11.61 8.98 -5.58
C MET A 57 -10.64 7.80 -5.60
N PHE A 58 -9.42 8.04 -5.14
CA PHE A 58 -8.36 7.05 -5.20
C PHE A 58 -8.45 6.08 -4.04
N LEU A 59 -9.14 6.50 -2.99
CA LEU A 59 -9.20 5.76 -1.73
C LEU A 59 -9.64 4.31 -1.94
N ASP A 60 -10.72 4.10 -2.70
CA ASP A 60 -11.22 2.75 -2.93
C ASP A 60 -10.17 1.89 -3.65
N GLN A 61 -9.49 2.46 -4.63
CA GLN A 61 -8.50 1.76 -5.41
C GLN A 61 -7.35 1.25 -4.54
N VAL A 62 -6.75 2.16 -3.79
CA VAL A 62 -5.64 1.81 -2.92
C VAL A 62 -6.08 0.87 -1.81
N ALA A 63 -7.25 1.14 -1.24
CA ALA A 63 -7.78 0.32 -0.15
C ALA A 63 -8.09 -1.10 -0.61
N LYS A 64 -8.63 -1.23 -1.81
CA LYS A 64 -8.95 -2.54 -2.34
C LYS A 64 -7.70 -3.38 -2.57
N PHE A 65 -6.64 -2.74 -3.05
CA PHE A 65 -5.37 -3.43 -3.20
C PHE A 65 -4.86 -3.90 -1.84
N ILE A 66 -4.97 -3.00 -0.85
CA ILE A 66 -4.66 -3.32 0.53
C ILE A 66 -5.37 -4.61 0.97
N ILE A 67 -6.68 -4.61 0.80
CA ILE A 67 -7.50 -5.78 1.12
C ILE A 67 -7.03 -7.00 0.36
N ASP A 68 -6.86 -6.84 -0.95
CA ASP A 68 -6.57 -7.96 -1.83
C ASP A 68 -5.24 -8.64 -1.49
N ASN A 69 -4.38 -7.93 -0.77
CA ASN A 69 -3.13 -8.51 -0.29
C ASN A 69 -3.40 -9.48 0.87
N THR A 70 -4.32 -9.10 1.76
CA THR A 70 -4.71 -9.98 2.87
C THR A 70 -6.06 -10.63 2.60
N LYS A 71 -6.37 -10.74 1.32
CA LYS A 71 -7.58 -11.41 0.86
C LYS A 71 -7.19 -12.47 -0.14
N GLY A 72 -8.08 -13.42 -0.40
CA GLY A 72 -7.83 -14.38 -1.45
C GLY A 72 -7.81 -13.71 -2.80
N GLN A 73 -6.72 -13.91 -3.53
CA GLN A 73 -6.61 -13.39 -4.87
C GLN A 73 -7.72 -13.98 -5.73
N MET A 74 -8.55 -13.09 -6.31
CA MET A 74 -9.74 -13.48 -7.03
C MET A 74 -10.80 -14.01 -6.06
N LEU A 75 -11.71 -13.12 -5.66
CA LEU A 75 -12.77 -13.42 -4.70
C LEU A 75 -12.23 -13.61 -3.29
N GLY A 76 -11.49 -14.68 -3.07
CA GLY A 76 -11.04 -15.02 -1.74
C GLY A 76 -10.68 -16.48 -1.63
N LEU A 77 -10.21 -16.90 -0.46
CA LEU A 77 -9.88 -18.30 -0.23
C LEU A 77 -11.00 -18.98 0.53
N GLY A 78 -10.95 -20.29 0.59
CA GLY A 78 -11.98 -21.04 1.28
C GLY A 78 -12.61 -22.08 0.39
N ASN A 79 -13.95 -22.17 0.43
CA ASN A 79 -14.72 -23.14 -0.34
C ASN A 79 -14.54 -24.55 0.21
N PRO A 80 -15.64 -25.21 0.58
CA PRO A 80 -15.62 -26.56 1.15
C PRO A 80 -15.03 -27.59 0.19
N ALA A 1 19.15 -20.19 8.07
CA ALA A 1 17.70 -20.00 8.24
C ALA A 1 17.22 -18.79 7.46
N ASN A 2 17.51 -18.78 6.16
CA ASN A 2 17.13 -17.68 5.30
C ASN A 2 15.71 -17.89 4.78
N GLN A 3 15.54 -18.90 3.92
CA GLN A 3 14.23 -19.26 3.39
C GLN A 3 13.53 -18.05 2.76
N GLN A 4 14.30 -17.29 2.00
CA GLN A 4 13.83 -16.06 1.37
C GLN A 4 13.31 -15.09 2.43
N THR A 5 14.24 -14.46 3.14
CA THR A 5 13.89 -13.53 4.20
C THR A 5 13.46 -12.19 3.62
N SER A 6 12.24 -12.15 3.09
CA SER A 6 11.67 -10.91 2.58
C SER A 6 11.03 -10.15 3.73
N GLY A 7 11.51 -8.94 3.98
CA GLY A 7 11.03 -8.20 5.13
C GLY A 7 10.08 -7.08 4.75
N LYS A 8 10.26 -5.94 5.39
CA LYS A 8 9.37 -4.81 5.23
C LYS A 8 9.80 -3.90 4.10
N VAL A 9 8.90 -3.03 3.69
CA VAL A 9 9.14 -2.13 2.58
C VAL A 9 9.68 -0.81 3.10
N LEU A 10 10.86 -0.43 2.62
CA LEU A 10 11.47 0.82 3.03
C LEU A 10 11.08 1.94 2.07
N TYR A 11 10.26 2.86 2.56
CA TYR A 11 9.80 3.96 1.75
C TYR A 11 10.29 5.27 2.37
N GLU A 12 11.12 5.98 1.62
CA GLU A 12 11.63 7.30 2.02
C GLU A 12 12.34 7.25 3.38
N GLY A 13 12.79 6.07 3.75
CA GLY A 13 13.55 5.90 4.98
C GLY A 13 12.74 5.29 6.11
N LYS A 14 11.48 4.98 5.84
CA LYS A 14 10.63 4.33 6.85
C LYS A 14 10.25 2.94 6.36
N GLU A 15 10.02 2.03 7.29
CA GLU A 15 9.63 0.67 6.93
C GLU A 15 8.16 0.42 7.26
N PHE A 16 7.48 -0.19 6.32
CA PHE A 16 6.10 -0.62 6.52
C PHE A 16 5.93 -2.05 6.04
N ASP A 17 4.82 -2.66 6.40
CA ASP A 17 4.57 -4.05 6.03
C ASP A 17 4.64 -4.22 4.53
N TYR A 18 3.70 -3.60 3.84
CA TYR A 18 3.68 -3.62 2.39
C TYR A 18 3.19 -2.30 1.82
N VAL A 19 4.11 -1.49 1.32
CA VAL A 19 3.73 -0.25 0.67
C VAL A 19 3.53 -0.51 -0.82
N PHE A 20 2.50 0.10 -1.36
CA PHE A 20 2.19 -0.07 -2.77
C PHE A 20 2.91 0.99 -3.59
N SER A 21 3.33 0.63 -4.78
CA SER A 21 4.03 1.54 -5.65
C SER A 21 3.09 2.02 -6.74
N ILE A 22 2.82 3.31 -6.76
CA ILE A 22 1.86 3.88 -7.67
C ILE A 22 2.54 4.73 -8.73
N ASP A 23 2.41 4.31 -9.98
CA ASP A 23 2.92 5.06 -11.12
C ASP A 23 1.75 5.59 -11.95
N VAL A 24 1.61 6.89 -12.02
CA VAL A 24 0.55 7.51 -12.79
C VAL A 24 1.10 8.61 -13.69
N ASN A 25 2.09 9.34 -13.17
CA ASN A 25 2.80 10.32 -13.96
C ASN A 25 4.22 9.84 -14.20
N GLU A 26 4.49 9.45 -15.44
CA GLU A 26 5.75 8.83 -15.79
C GLU A 26 6.87 9.85 -15.79
N GLY A 27 7.81 9.70 -14.86
CA GLY A 27 8.91 10.63 -14.76
C GLY A 27 8.65 11.70 -13.72
N GLY A 28 7.44 11.69 -13.18
CA GLY A 28 7.05 12.64 -12.16
C GLY A 28 7.09 12.03 -10.78
N PRO A 29 6.47 12.70 -9.80
CA PRO A 29 6.44 12.21 -8.42
C PRO A 29 5.86 10.81 -8.30
N SER A 30 6.55 9.97 -7.57
CA SER A 30 6.12 8.59 -7.39
C SER A 30 5.34 8.45 -6.09
N TYR A 31 4.31 7.62 -6.10
CA TYR A 31 3.44 7.46 -4.95
C TYR A 31 3.64 6.10 -4.32
N LYS A 32 3.87 6.05 -3.03
CA LYS A 32 3.94 4.78 -2.33
C LYS A 32 2.87 4.73 -1.25
N LEU A 33 2.19 3.59 -1.14
CA LEU A 33 1.12 3.44 -0.17
C LEU A 33 1.53 2.44 0.91
N PRO A 34 2.20 2.91 1.96
CA PRO A 34 2.58 2.07 3.10
C PRO A 34 1.38 1.49 3.83
N TYR A 35 1.21 0.18 3.72
CA TYR A 35 0.15 -0.52 4.40
C TYR A 35 0.72 -1.45 5.46
N ASN A 36 0.31 -1.23 6.69
CA ASN A 36 0.58 -2.17 7.75
C ASN A 36 -0.63 -3.07 7.90
N THR A 37 -0.38 -4.36 7.97
CA THR A 37 -1.44 -5.37 7.86
C THR A 37 -2.47 -5.29 9.01
N SER A 38 -2.19 -4.43 9.97
CA SER A 38 -3.05 -4.27 11.13
C SER A 38 -4.07 -3.14 10.93
N ASP A 39 -4.00 -2.47 9.78
CA ASP A 39 -4.84 -1.28 9.52
C ASP A 39 -5.88 -1.58 8.44
N ASP A 40 -6.98 -0.83 8.45
CA ASP A 40 -8.06 -1.03 7.47
C ASP A 40 -7.74 -0.36 6.14
N PRO A 41 -8.12 -0.95 5.02
CA PRO A 41 -7.79 -0.43 3.68
C PRO A 41 -8.19 1.02 3.50
N TRP A 42 -9.47 1.31 3.68
CA TRP A 42 -9.99 2.65 3.45
C TRP A 42 -9.33 3.65 4.39
N LEU A 43 -8.84 3.17 5.54
CA LEU A 43 -8.14 4.03 6.47
C LEU A 43 -6.71 4.27 6.00
N THR A 44 -5.97 3.18 5.79
CA THR A 44 -4.58 3.26 5.33
C THR A 44 -4.46 4.08 4.05
N ALA A 45 -5.36 3.79 3.11
CA ALA A 45 -5.34 4.46 1.83
C ALA A 45 -5.72 5.93 1.98
N TYR A 46 -6.66 6.19 2.88
CA TYR A 46 -7.10 7.54 3.16
C TYR A 46 -5.94 8.32 3.78
N ASN A 47 -5.22 7.65 4.68
CA ASN A 47 -4.05 8.23 5.33
C ASN A 47 -3.06 8.74 4.30
N PHE A 48 -2.71 7.88 3.36
CA PHE A 48 -1.79 8.26 2.29
C PHE A 48 -2.41 9.31 1.38
N LEU A 49 -3.70 9.15 1.11
CA LEU A 49 -4.41 10.04 0.21
C LEU A 49 -4.37 11.47 0.73
N GLN A 50 -4.73 11.66 1.99
CA GLN A 50 -4.71 13.00 2.57
C GLN A 50 -3.26 13.44 2.81
N LYS A 51 -2.39 12.48 3.10
CA LYS A 51 -0.97 12.75 3.37
C LYS A 51 -0.31 13.43 2.17
N ASN A 52 -0.60 12.93 0.98
CA ASN A 52 0.00 13.49 -0.23
C ASN A 52 -0.96 14.46 -0.90
N ASP A 53 -2.14 14.59 -0.29
CA ASP A 53 -3.24 15.39 -0.84
C ASP A 53 -3.63 14.89 -2.22
N LEU A 54 -4.12 13.66 -2.26
CA LEU A 54 -4.61 13.06 -3.49
C LEU A 54 -6.12 13.20 -3.56
N ASN A 55 -6.67 12.77 -4.68
CA ASN A 55 -8.12 12.83 -4.89
C ASN A 55 -8.76 11.58 -4.30
N PRO A 56 -9.90 11.74 -3.59
CA PRO A 56 -10.62 10.63 -2.93
C PRO A 56 -11.00 9.51 -3.90
N MET A 57 -10.94 9.82 -5.18
CA MET A 57 -11.17 8.84 -6.24
C MET A 57 -10.15 7.72 -6.19
N PHE A 58 -8.99 8.01 -5.62
CA PHE A 58 -7.88 7.06 -5.60
C PHE A 58 -8.04 6.09 -4.44
N LEU A 59 -8.83 6.50 -3.45
CA LEU A 59 -8.97 5.78 -2.18
C LEU A 59 -9.37 4.32 -2.37
N ASP A 60 -10.26 4.05 -3.33
CA ASP A 60 -10.69 2.67 -3.54
C ASP A 60 -9.56 1.83 -4.13
N GLN A 61 -8.90 2.37 -5.14
CA GLN A 61 -7.83 1.67 -5.82
C GLN A 61 -6.74 1.23 -4.84
N VAL A 62 -6.27 2.19 -4.05
CA VAL A 62 -5.22 1.92 -3.07
C VAL A 62 -5.69 0.96 -1.99
N ALA A 63 -6.91 1.18 -1.50
CA ALA A 63 -7.48 0.35 -0.43
C ALA A 63 -7.71 -1.07 -0.90
N LYS A 64 -8.16 -1.25 -2.13
CA LYS A 64 -8.40 -2.58 -2.66
C LYS A 64 -7.11 -3.37 -2.82
N PHE A 65 -6.04 -2.69 -3.22
CA PHE A 65 -4.74 -3.34 -3.29
C PHE A 65 -4.30 -3.76 -1.89
N ILE A 66 -4.51 -2.87 -0.93
CA ILE A 66 -4.30 -3.18 0.47
C ILE A 66 -4.98 -4.48 0.85
N ILE A 67 -6.27 -4.55 0.56
CA ILE A 67 -7.07 -5.73 0.85
C ILE A 67 -6.51 -6.97 0.19
N ASP A 68 -6.25 -6.89 -1.11
CA ASP A 68 -5.79 -8.04 -1.89
C ASP A 68 -4.52 -8.65 -1.31
N ASN A 69 -3.71 -7.81 -0.66
CA ASN A 69 -2.48 -8.28 -0.03
C ASN A 69 -2.78 -9.22 1.13
N THR A 70 -3.97 -9.07 1.72
CA THR A 70 -4.39 -9.91 2.83
C THR A 70 -5.65 -10.69 2.47
N LYS A 71 -5.94 -10.73 1.18
CA LYS A 71 -7.17 -11.33 0.67
C LYS A 71 -6.83 -12.50 -0.25
N GLY A 72 -7.84 -13.22 -0.72
CA GLY A 72 -7.62 -14.19 -1.78
C GLY A 72 -7.30 -13.52 -3.09
N GLN A 73 -7.44 -14.27 -4.18
CA GLN A 73 -7.20 -13.75 -5.53
C GLN A 73 -5.73 -13.38 -5.74
N MET A 74 -5.29 -12.27 -5.16
CA MET A 74 -3.92 -11.81 -5.33
C MET A 74 -2.95 -12.66 -4.51
N LEU A 75 -3.14 -12.67 -3.20
CA LEU A 75 -2.27 -13.42 -2.31
C LEU A 75 -2.65 -14.89 -2.36
N GLY A 76 -3.89 -15.18 -2.03
CA GLY A 76 -4.38 -16.53 -2.08
C GLY A 76 -4.90 -17.01 -0.75
N LEU A 77 -5.53 -16.11 0.02
CA LEU A 77 -6.13 -16.44 1.31
C LEU A 77 -5.07 -16.85 2.34
N GLY A 78 -5.53 -17.36 3.46
CA GLY A 78 -4.64 -17.77 4.52
C GLY A 78 -5.26 -17.51 5.88
N ASN A 79 -4.62 -17.96 6.93
CA ASN A 79 -5.12 -17.72 8.28
C ASN A 79 -4.00 -17.11 9.13
N PRO A 80 -4.13 -15.81 9.46
CA PRO A 80 -3.15 -15.09 10.28
C PRO A 80 -2.91 -15.77 11.62
N ALA A 1 18.73 -0.33 16.43
CA ALA A 1 19.88 0.31 15.77
C ALA A 1 20.32 -0.49 14.55
N ASN A 2 20.63 -1.76 14.77
CA ASN A 2 21.08 -2.63 13.70
C ASN A 2 19.94 -3.48 13.18
N GLN A 3 19.74 -3.45 11.87
CA GLN A 3 18.68 -4.21 11.25
C GLN A 3 19.15 -4.87 9.96
N GLN A 4 18.85 -6.16 9.86
CA GLN A 4 19.07 -6.89 8.62
C GLN A 4 17.75 -7.49 8.19
N THR A 5 16.70 -6.68 8.33
CA THR A 5 15.34 -7.12 8.07
C THR A 5 14.97 -6.91 6.62
N SER A 6 14.29 -7.90 6.04
CA SER A 6 13.82 -7.80 4.68
C SER A 6 12.36 -8.22 4.63
N GLY A 7 11.67 -7.90 3.54
CA GLY A 7 10.26 -8.19 3.43
C GLY A 7 9.41 -6.97 3.69
N LYS A 8 9.86 -6.14 4.63
CA LYS A 8 9.20 -4.89 4.93
C LYS A 8 9.76 -3.78 4.08
N VAL A 9 9.04 -2.67 4.01
CA VAL A 9 9.37 -1.60 3.07
C VAL A 9 9.82 -0.35 3.80
N LEU A 10 10.83 0.30 3.25
CA LEU A 10 11.31 1.57 3.78
C LEU A 10 10.89 2.70 2.84
N TYR A 11 9.98 3.56 3.32
CA TYR A 11 9.50 4.66 2.50
C TYR A 11 9.83 5.99 3.19
N GLU A 12 10.62 6.81 2.50
CA GLU A 12 10.99 8.15 2.97
C GLU A 12 11.77 8.12 4.28
N GLY A 13 12.15 6.93 4.69
CA GLY A 13 12.87 6.76 5.94
C GLY A 13 12.09 5.97 6.97
N LYS A 14 10.77 5.89 6.79
CA LYS A 14 9.93 5.11 7.70
C LYS A 14 9.79 3.69 7.17
N GLU A 15 9.56 2.76 8.07
CA GLU A 15 9.40 1.36 7.69
C GLU A 15 7.96 0.93 7.87
N PHE A 16 7.46 0.16 6.92
CA PHE A 16 6.11 -0.38 7.01
C PHE A 16 6.06 -1.81 6.54
N ASP A 17 4.95 -2.47 6.81
CA ASP A 17 4.75 -3.87 6.43
C ASP A 17 4.91 -4.02 4.93
N TYR A 18 3.95 -3.49 4.19
CA TYR A 18 3.97 -3.54 2.74
C TYR A 18 3.43 -2.24 2.17
N VAL A 19 4.32 -1.36 1.73
CA VAL A 19 3.88 -0.16 1.06
C VAL A 19 3.70 -0.45 -0.44
N PHE A 20 2.61 0.03 -0.99
CA PHE A 20 2.28 -0.25 -2.38
C PHE A 20 2.87 0.82 -3.29
N SER A 21 3.32 0.43 -4.45
CA SER A 21 3.89 1.38 -5.39
C SER A 21 2.80 1.85 -6.35
N ILE A 22 2.55 3.15 -6.33
CA ILE A 22 1.51 3.75 -7.13
C ILE A 22 2.06 4.24 -8.45
N ASP A 23 1.55 3.67 -9.54
CA ASP A 23 1.95 4.08 -10.88
C ASP A 23 0.92 5.04 -11.46
N VAL A 24 1.42 6.10 -12.05
CA VAL A 24 0.58 7.17 -12.60
C VAL A 24 1.46 8.20 -13.28
N ASN A 25 2.64 8.39 -12.72
CA ASN A 25 3.62 9.30 -13.32
C ASN A 25 4.74 8.49 -13.95
N GLU A 26 4.79 8.49 -15.28
CA GLU A 26 5.86 7.82 -16.00
C GLU A 26 6.97 8.81 -16.29
N GLY A 27 8.06 8.69 -15.56
CA GLY A 27 9.14 9.64 -15.68
C GLY A 27 9.14 10.62 -14.53
N GLY A 28 8.00 10.74 -13.87
CA GLY A 28 7.89 11.61 -12.72
C GLY A 28 7.95 10.84 -11.41
N PRO A 29 7.62 11.48 -10.28
CA PRO A 29 7.69 10.85 -8.96
C PRO A 29 6.65 9.75 -8.78
N SER A 30 7.07 8.63 -8.23
CA SER A 30 6.18 7.52 -7.97
C SER A 30 5.67 7.59 -6.53
N TYR A 31 4.49 7.03 -6.29
CA TYR A 31 3.85 7.13 -4.99
C TYR A 31 3.93 5.81 -4.25
N LYS A 32 4.04 5.83 -2.93
CA LYS A 32 4.08 4.59 -2.16
C LYS A 32 3.00 4.60 -1.08
N LEU A 33 2.29 3.48 -0.97
CA LEU A 33 1.16 3.35 -0.04
C LEU A 33 1.54 2.40 1.10
N PRO A 34 2.11 2.94 2.18
CA PRO A 34 2.52 2.15 3.35
C PRO A 34 1.34 1.49 4.06
N TYR A 35 1.29 0.17 3.97
CA TYR A 35 0.23 -0.59 4.61
C TYR A 35 0.79 -1.47 5.71
N ASN A 36 0.26 -1.33 6.91
CA ASN A 36 0.49 -2.28 7.98
C ASN A 36 -0.66 -3.27 7.98
N THR A 37 -0.33 -4.54 8.06
CA THR A 37 -1.29 -5.59 7.76
C THR A 37 -2.45 -5.68 8.75
N SER A 38 -2.36 -4.92 9.83
CA SER A 38 -3.41 -4.90 10.84
C SER A 38 -4.29 -3.65 10.73
N ASP A 39 -4.16 -2.91 9.63
CA ASP A 39 -4.91 -1.68 9.44
C ASP A 39 -5.98 -1.86 8.36
N ASP A 40 -7.03 -1.05 8.43
CA ASP A 40 -8.15 -1.14 7.49
C ASP A 40 -7.82 -0.49 6.16
N PRO A 41 -8.32 -1.05 5.04
CA PRO A 41 -8.05 -0.53 3.71
C PRO A 41 -8.37 0.94 3.57
N TRP A 42 -9.64 1.28 3.82
CA TRP A 42 -10.12 2.63 3.66
C TRP A 42 -9.38 3.61 4.55
N LEU A 43 -8.85 3.12 5.67
CA LEU A 43 -8.08 3.97 6.57
C LEU A 43 -6.67 4.17 6.05
N THR A 44 -5.97 3.05 5.82
CA THR A 44 -4.60 3.10 5.32
C THR A 44 -4.50 3.93 4.03
N ALA A 45 -5.47 3.73 3.15
CA ALA A 45 -5.50 4.41 1.88
C ALA A 45 -5.81 5.88 2.07
N TYR A 46 -6.74 6.16 2.98
CA TYR A 46 -7.14 7.51 3.29
C TYR A 46 -5.96 8.29 3.88
N ASN A 47 -5.23 7.62 4.77
CA ASN A 47 -4.02 8.19 5.36
C ASN A 47 -3.05 8.63 4.29
N PHE A 48 -2.72 7.74 3.37
CA PHE A 48 -1.80 8.06 2.28
C PHE A 48 -2.41 9.12 1.37
N LEU A 49 -3.71 9.04 1.15
CA LEU A 49 -4.40 10.00 0.30
C LEU A 49 -4.29 11.41 0.88
N GLN A 50 -4.36 11.52 2.19
CA GLN A 50 -4.17 12.81 2.86
C GLN A 50 -2.68 13.15 2.95
N LYS A 51 -1.89 12.12 3.17
CA LYS A 51 -0.43 12.24 3.29
C LYS A 51 0.18 12.83 2.01
N ASN A 52 -0.29 12.36 0.87
CA ASN A 52 0.28 12.78 -0.40
C ASN A 52 -0.62 13.82 -1.06
N ASP A 53 -1.78 14.03 -0.44
CA ASP A 53 -2.82 14.93 -0.97
C ASP A 53 -3.32 14.44 -2.32
N LEU A 54 -3.92 13.26 -2.33
CA LEU A 54 -4.48 12.68 -3.54
C LEU A 54 -5.98 12.92 -3.62
N ASN A 55 -6.55 12.57 -4.74
CA ASN A 55 -7.99 12.65 -4.96
C ASN A 55 -8.67 11.45 -4.31
N PRO A 56 -9.83 11.69 -3.67
CA PRO A 56 -10.60 10.64 -2.97
C PRO A 56 -11.00 9.48 -3.89
N MET A 57 -10.91 9.72 -5.20
CA MET A 57 -11.19 8.68 -6.18
C MET A 57 -10.17 7.55 -6.08
N PHE A 58 -9.01 7.86 -5.52
CA PHE A 58 -7.93 6.90 -5.44
C PHE A 58 -8.14 5.97 -4.27
N LEU A 59 -8.91 6.45 -3.29
CA LEU A 59 -9.11 5.76 -2.01
C LEU A 59 -9.57 4.31 -2.21
N ASP A 60 -10.54 4.11 -3.09
CA ASP A 60 -11.07 2.77 -3.32
C ASP A 60 -10.00 1.87 -3.94
N GLN A 61 -9.28 2.41 -4.91
CA GLN A 61 -8.25 1.67 -5.62
C GLN A 61 -7.15 1.19 -4.67
N VAL A 62 -6.58 2.12 -3.93
CA VAL A 62 -5.51 1.79 -3.00
C VAL A 62 -6.01 0.84 -1.91
N ALA A 63 -7.20 1.12 -1.40
CA ALA A 63 -7.78 0.31 -0.33
C ALA A 63 -8.06 -1.12 -0.78
N LYS A 64 -8.59 -1.28 -1.98
CA LYS A 64 -8.88 -2.61 -2.51
C LYS A 64 -7.60 -3.42 -2.73
N PHE A 65 -6.52 -2.73 -3.09
CA PHE A 65 -5.24 -3.42 -3.23
C PHE A 65 -4.71 -3.78 -1.84
N ILE A 66 -4.88 -2.87 -0.89
CA ILE A 66 -4.59 -3.13 0.50
C ILE A 66 -5.28 -4.42 0.96
N ILE A 67 -6.55 -4.51 0.62
CA ILE A 67 -7.36 -5.67 0.95
C ILE A 67 -6.77 -6.94 0.37
N ASP A 68 -6.39 -6.91 -0.90
CA ASP A 68 -5.84 -8.11 -1.52
C ASP A 68 -4.48 -8.43 -0.93
N ASN A 69 -3.81 -7.43 -0.40
CA ASN A 69 -2.52 -7.63 0.25
C ASN A 69 -2.67 -8.55 1.46
N THR A 70 -3.91 -8.72 1.93
CA THR A 70 -4.20 -9.65 3.00
C THR A 70 -5.14 -10.77 2.53
N LYS A 71 -6.04 -10.45 1.60
CA LYS A 71 -7.06 -11.41 1.17
C LYS A 71 -6.56 -12.29 0.02
N GLY A 72 -5.75 -11.75 -0.87
CA GLY A 72 -5.28 -12.48 -2.04
C GLY A 72 -3.80 -12.77 -1.99
N GLN A 73 -2.99 -11.73 -2.19
CA GLN A 73 -1.54 -11.84 -2.20
C GLN A 73 -1.07 -12.68 -3.39
N MET A 74 -1.89 -12.77 -4.42
CA MET A 74 -1.59 -13.65 -5.53
C MET A 74 -1.98 -13.03 -6.87
N LEU A 75 -3.28 -12.83 -7.07
CA LEU A 75 -3.77 -12.42 -8.37
C LEU A 75 -4.38 -11.02 -8.33
N GLY A 76 -4.79 -10.59 -7.14
CA GLY A 76 -5.43 -9.31 -7.02
C GLY A 76 -6.92 -9.41 -7.28
N LEU A 77 -7.66 -9.79 -6.23
CA LEU A 77 -9.11 -9.99 -6.31
C LEU A 77 -9.43 -11.25 -7.11
N GLY A 78 -9.34 -11.15 -8.42
CA GLY A 78 -9.69 -12.27 -9.27
C GLY A 78 -11.01 -12.06 -9.95
N ASN A 79 -10.94 -11.72 -11.24
CA ASN A 79 -12.13 -11.40 -12.05
C ASN A 79 -12.85 -10.18 -11.46
N PRO A 80 -12.24 -9.00 -11.58
CA PRO A 80 -12.82 -7.75 -11.06
C PRO A 80 -14.03 -7.31 -11.86
N ALA A 1 21.28 -3.50 12.94
CA ALA A 1 21.91 -4.83 12.88
C ALA A 1 20.99 -5.88 13.47
N ASN A 2 19.69 -5.71 13.26
CA ASN A 2 18.69 -6.63 13.80
C ASN A 2 18.72 -7.94 13.04
N GLN A 3 18.40 -9.02 13.72
CA GLN A 3 18.49 -10.37 13.16
C GLN A 3 17.37 -10.64 12.18
N GLN A 4 16.36 -9.77 12.16
CA GLN A 4 15.24 -9.93 11.25
C GLN A 4 14.81 -8.59 10.67
N THR A 5 14.68 -8.56 9.35
CA THR A 5 14.27 -7.37 8.63
C THR A 5 13.59 -7.77 7.32
N SER A 6 12.57 -8.61 7.43
CA SER A 6 11.88 -9.14 6.27
C SER A 6 10.43 -8.67 6.26
N GLY A 7 9.89 -8.44 5.07
CA GLY A 7 8.51 -8.02 4.94
C GLY A 7 8.30 -6.59 5.38
N LYS A 8 9.34 -5.77 5.27
CA LYS A 8 9.24 -4.38 5.60
C LYS A 8 9.80 -3.50 4.48
N VAL A 9 9.19 -2.35 4.29
CA VAL A 9 9.57 -1.39 3.26
C VAL A 9 10.00 -0.08 3.92
N LEU A 10 11.00 0.58 3.33
CA LEU A 10 11.41 1.90 3.81
C LEU A 10 10.85 2.97 2.90
N TYR A 11 10.19 3.97 3.48
CA TYR A 11 9.69 5.10 2.73
C TYR A 11 9.97 6.38 3.53
N GLU A 12 10.73 7.29 2.92
CA GLU A 12 11.08 8.58 3.54
C GLU A 12 11.73 8.40 4.91
N GLY A 13 12.32 7.24 5.13
CA GLY A 13 13.00 6.99 6.39
C GLY A 13 12.18 6.15 7.36
N LYS A 14 10.87 6.08 7.14
CA LYS A 14 10.02 5.28 7.99
C LYS A 14 9.87 3.87 7.41
N GLU A 15 9.63 2.92 8.28
CA GLU A 15 9.51 1.53 7.87
C GLU A 15 8.09 1.02 8.04
N PHE A 16 7.59 0.38 7.00
CA PHE A 16 6.26 -0.20 7.00
C PHE A 16 6.34 -1.64 6.50
N ASP A 17 5.24 -2.37 6.58
CA ASP A 17 5.22 -3.74 6.08
C ASP A 17 5.33 -3.77 4.56
N TYR A 18 4.27 -3.34 3.90
CA TYR A 18 4.24 -3.35 2.44
C TYR A 18 3.73 -2.02 1.91
N VAL A 19 4.64 -1.11 1.61
CA VAL A 19 4.21 0.13 0.97
C VAL A 19 4.07 -0.11 -0.53
N PHE A 20 2.94 0.30 -1.08
CA PHE A 20 2.63 0.04 -2.47
C PHE A 20 3.16 1.17 -3.33
N SER A 21 3.53 0.87 -4.57
CA SER A 21 4.05 1.90 -5.45
C SER A 21 2.97 2.35 -6.42
N ILE A 22 2.61 3.61 -6.31
CA ILE A 22 1.60 4.23 -7.14
C ILE A 22 2.24 4.90 -8.34
N ASP A 23 1.89 4.44 -9.53
CA ASP A 23 2.44 5.04 -10.75
C ASP A 23 1.36 5.81 -11.49
N VAL A 24 1.70 7.00 -11.94
CA VAL A 24 0.76 7.83 -12.67
C VAL A 24 1.47 8.64 -13.76
N ASN A 25 2.68 9.10 -13.48
CA ASN A 25 3.45 9.87 -14.44
C ASN A 25 4.70 9.11 -14.88
N GLU A 26 4.80 8.86 -16.18
CA GLU A 26 5.94 8.15 -16.73
C GLU A 26 7.20 9.00 -16.63
N GLY A 27 8.22 8.45 -15.99
CA GLY A 27 9.44 9.20 -15.76
C GLY A 27 9.25 10.28 -14.70
N GLY A 28 8.07 10.27 -14.09
CA GLY A 28 7.74 11.26 -13.10
C GLY A 28 7.69 10.65 -11.72
N PRO A 29 7.12 11.37 -10.74
CA PRO A 29 7.06 10.92 -9.36
C PRO A 29 6.22 9.65 -9.18
N SER A 30 6.78 8.69 -8.45
CA SER A 30 6.04 7.50 -8.08
C SER A 30 5.68 7.60 -6.60
N TYR A 31 4.44 7.26 -6.29
CA TYR A 31 3.91 7.42 -4.95
C TYR A 31 4.05 6.11 -4.20
N LYS A 32 4.11 6.16 -2.88
CA LYS A 32 4.17 4.92 -2.11
C LYS A 32 3.06 4.89 -1.06
N LEU A 33 2.45 3.72 -0.91
CA LEU A 33 1.32 3.52 -0.02
C LEU A 33 1.72 2.56 1.10
N PRO A 34 2.29 3.08 2.19
CA PRO A 34 2.70 2.27 3.34
C PRO A 34 1.55 1.54 4.02
N TYR A 35 1.55 0.22 3.89
CA TYR A 35 0.49 -0.62 4.40
C TYR A 35 1.03 -1.66 5.39
N ASN A 36 0.39 -1.75 6.56
CA ASN A 36 0.66 -2.83 7.51
C ASN A 36 -0.45 -3.85 7.40
N THR A 37 -0.09 -5.11 7.43
CA THR A 37 -1.04 -6.19 7.18
C THR A 37 -2.12 -6.27 8.28
N SER A 38 -1.92 -5.51 9.35
CA SER A 38 -2.87 -5.46 10.45
C SER A 38 -3.73 -4.20 10.39
N ASP A 39 -3.61 -3.45 9.31
CA ASP A 39 -4.30 -2.17 9.18
C ASP A 39 -5.42 -2.22 8.16
N ASP A 40 -6.40 -1.35 8.35
CA ASP A 40 -7.60 -1.33 7.50
C ASP A 40 -7.33 -0.62 6.18
N PRO A 41 -7.89 -1.11 5.08
CA PRO A 41 -7.65 -0.57 3.74
C PRO A 41 -7.95 0.92 3.66
N TRP A 42 -9.19 1.29 3.95
CA TRP A 42 -9.64 2.67 3.80
C TRP A 42 -8.86 3.60 4.72
N LEU A 43 -8.32 3.08 5.81
CA LEU A 43 -7.52 3.89 6.71
C LEU A 43 -6.12 4.11 6.13
N THR A 44 -5.46 3.01 5.81
CA THR A 44 -4.12 3.03 5.24
C THR A 44 -4.09 3.88 3.98
N ALA A 45 -5.08 3.68 3.12
CA ALA A 45 -5.16 4.36 1.85
C ALA A 45 -5.48 5.83 2.06
N TYR A 46 -6.35 6.09 3.02
CA TYR A 46 -6.72 7.45 3.36
C TYR A 46 -5.51 8.22 3.85
N ASN A 47 -4.72 7.56 4.69
CA ASN A 47 -3.49 8.13 5.25
C ASN A 47 -2.60 8.64 4.12
N PHE A 48 -2.33 7.78 3.15
CA PHE A 48 -1.52 8.16 2.00
C PHE A 48 -2.23 9.20 1.13
N LEU A 49 -3.54 9.04 0.98
CA LEU A 49 -4.33 9.93 0.15
C LEU A 49 -4.27 11.36 0.67
N GLN A 50 -4.41 11.53 1.97
CA GLN A 50 -4.34 12.86 2.56
C GLN A 50 -2.89 13.33 2.64
N LYS A 51 -1.97 12.38 2.70
CA LYS A 51 -0.54 12.67 2.78
C LYS A 51 -0.03 13.30 1.48
N ASN A 52 -0.44 12.73 0.36
CA ASN A 52 0.04 13.20 -0.94
C ASN A 52 -0.96 14.17 -1.54
N ASP A 53 -2.03 14.41 -0.79
CA ASP A 53 -3.15 15.26 -1.20
C ASP A 53 -3.76 14.73 -2.50
N LEU A 54 -4.27 13.51 -2.45
CA LEU A 54 -4.88 12.89 -3.60
C LEU A 54 -6.38 13.04 -3.53
N ASN A 55 -7.03 12.74 -4.64
CA ASN A 55 -8.47 12.76 -4.72
C ASN A 55 -9.04 11.55 -3.99
N PRO A 56 -10.07 11.75 -3.15
CA PRO A 56 -10.70 10.70 -2.35
C PRO A 56 -11.22 9.54 -3.20
N MET A 57 -11.32 9.78 -4.51
CA MET A 57 -11.74 8.77 -5.46
C MET A 57 -10.71 7.63 -5.53
N PHE A 58 -9.48 7.95 -5.15
CA PHE A 58 -8.39 6.99 -5.25
C PHE A 58 -8.39 6.05 -4.05
N LEU A 59 -9.01 6.51 -2.97
CA LEU A 59 -9.06 5.78 -1.71
C LEU A 59 -9.53 4.35 -1.90
N ASP A 60 -10.52 4.17 -2.75
CA ASP A 60 -11.06 2.83 -3.01
C ASP A 60 -10.04 1.98 -3.74
N GLN A 61 -9.36 2.58 -4.71
CA GLN A 61 -8.39 1.87 -5.52
C GLN A 61 -7.23 1.33 -4.67
N VAL A 62 -6.60 2.22 -3.92
CA VAL A 62 -5.47 1.86 -3.07
C VAL A 62 -5.90 0.86 -1.99
N ALA A 63 -7.08 1.10 -1.42
CA ALA A 63 -7.59 0.27 -0.34
C ALA A 63 -7.93 -1.14 -0.81
N LYS A 64 -8.55 -1.25 -1.98
CA LYS A 64 -8.91 -2.56 -2.52
C LYS A 64 -7.68 -3.38 -2.87
N PHE A 65 -6.60 -2.71 -3.25
CA PHE A 65 -5.33 -3.40 -3.46
C PHE A 65 -4.80 -3.88 -2.12
N ILE A 66 -4.83 -3.00 -1.12
CA ILE A 66 -4.47 -3.33 0.25
C ILE A 66 -5.13 -4.62 0.71
N ILE A 67 -6.46 -4.66 0.57
CA ILE A 67 -7.24 -5.81 0.97
C ILE A 67 -6.77 -7.08 0.28
N ASP A 68 -6.64 -7.05 -1.03
CA ASP A 68 -6.35 -8.25 -1.79
C ASP A 68 -4.96 -8.81 -1.48
N ASN A 69 -4.09 -7.96 -0.95
CA ASN A 69 -2.76 -8.40 -0.53
C ASN A 69 -2.87 -9.50 0.55
N THR A 70 -3.89 -9.40 1.38
CA THR A 70 -4.13 -10.41 2.40
C THR A 70 -5.37 -11.26 2.09
N LYS A 71 -6.21 -10.75 1.19
CA LYS A 71 -7.41 -11.47 0.77
C LYS A 71 -7.06 -12.64 -0.13
N GLY A 72 -6.89 -12.39 -1.42
CA GLY A 72 -6.45 -13.42 -2.33
C GLY A 72 -7.43 -13.70 -3.44
N GLN A 73 -7.99 -12.65 -4.04
CA GLN A 73 -8.90 -12.80 -5.16
C GLN A 73 -8.12 -12.82 -6.46
N MET A 74 -6.98 -12.12 -6.47
CA MET A 74 -6.10 -12.12 -7.64
C MET A 74 -5.61 -13.54 -7.91
N LEU A 75 -5.01 -14.15 -6.90
CA LEU A 75 -4.50 -15.51 -7.02
C LEU A 75 -4.53 -16.20 -5.66
N GLY A 76 -3.89 -15.58 -4.69
CA GLY A 76 -3.85 -16.12 -3.36
C GLY A 76 -2.77 -15.47 -2.52
N LEU A 77 -2.93 -14.16 -2.28
CA LEU A 77 -1.95 -13.35 -1.55
C LEU A 77 -0.67 -13.19 -2.36
N GLY A 78 0.11 -14.26 -2.47
CA GLY A 78 1.33 -14.22 -3.24
C GLY A 78 1.96 -15.58 -3.37
N ASN A 79 2.08 -16.06 -4.60
CA ASN A 79 2.72 -17.35 -4.87
C ASN A 79 4.24 -17.18 -4.83
N PRO A 80 4.91 -17.88 -3.92
CA PRO A 80 6.37 -17.85 -3.84
C PRO A 80 7.01 -18.64 -4.96
N ALA A 1 18.11 -14.23 4.07
CA ALA A 1 16.73 -13.72 3.96
C ALA A 1 16.28 -13.14 5.29
N ASN A 2 16.22 -11.81 5.35
CA ASN A 2 15.93 -11.07 6.57
C ASN A 2 17.12 -11.10 7.51
N GLN A 3 17.86 -10.01 7.53
CA GLN A 3 19.05 -9.88 8.38
C GLN A 3 18.63 -9.72 9.83
N GLN A 4 17.54 -9.00 10.03
CA GLN A 4 17.00 -8.71 11.35
C GLN A 4 15.79 -7.80 11.23
N THR A 5 15.83 -6.93 10.24
CA THR A 5 14.73 -6.04 9.95
C THR A 5 14.56 -5.89 8.44
N SER A 6 14.55 -7.04 7.77
CA SER A 6 14.42 -7.07 6.32
C SER A 6 13.05 -7.58 5.93
N GLY A 7 12.59 -7.25 4.74
CA GLY A 7 11.28 -7.65 4.30
C GLY A 7 10.27 -6.53 4.48
N LYS A 8 10.69 -5.48 5.17
CA LYS A 8 9.86 -4.32 5.39
C LYS A 8 10.10 -3.31 4.29
N VAL A 9 9.20 -2.35 4.14
CA VAL A 9 9.29 -1.40 3.04
C VAL A 9 9.60 -0.01 3.56
N LEU A 10 10.65 0.58 3.02
CA LEU A 10 10.96 1.96 3.29
C LEU A 10 10.38 2.81 2.17
N TYR A 11 9.43 3.65 2.50
CA TYR A 11 8.80 4.50 1.51
C TYR A 11 9.11 5.96 1.81
N GLU A 12 9.84 6.58 0.90
CA GLU A 12 10.16 8.01 0.98
C GLU A 12 10.81 8.38 2.31
N GLY A 13 11.38 7.38 2.98
CA GLY A 13 12.10 7.62 4.23
C GLY A 13 11.36 7.16 5.48
N LYS A 14 10.26 6.44 5.30
CA LYS A 14 9.57 5.85 6.45
C LYS A 14 9.38 4.36 6.24
N GLU A 15 9.34 3.61 7.33
CA GLU A 15 9.32 2.15 7.29
C GLU A 15 7.93 1.59 7.57
N PHE A 16 7.47 0.69 6.70
CA PHE A 16 6.16 0.06 6.85
C PHE A 16 6.21 -1.42 6.49
N ASP A 17 5.11 -2.12 6.73
CA ASP A 17 5.03 -3.55 6.43
C ASP A 17 5.09 -3.80 4.93
N TYR A 18 4.03 -3.40 4.23
CA TYR A 18 3.97 -3.55 2.78
C TYR A 18 3.41 -2.29 2.15
N VAL A 19 4.26 -1.47 1.55
CA VAL A 19 3.78 -0.29 0.85
C VAL A 19 3.67 -0.61 -0.64
N PHE A 20 2.59 -0.15 -1.24
CA PHE A 20 2.34 -0.40 -2.66
C PHE A 20 2.96 0.72 -3.49
N SER A 21 3.42 0.41 -4.68
CA SER A 21 3.95 1.43 -5.55
C SER A 21 2.93 1.75 -6.64
N ILE A 22 2.44 2.97 -6.61
CA ILE A 22 1.39 3.41 -7.50
C ILE A 22 2.00 4.14 -8.69
N ASP A 23 1.74 3.63 -9.87
CA ASP A 23 2.30 4.20 -11.09
C ASP A 23 1.27 5.02 -11.83
N VAL A 24 1.71 6.15 -12.37
CA VAL A 24 0.86 7.04 -13.14
C VAL A 24 1.71 8.04 -13.90
N ASN A 25 2.80 8.43 -13.27
CA ASN A 25 3.75 9.36 -13.86
C ASN A 25 5.07 8.67 -14.19
N GLU A 26 5.52 8.80 -15.43
CA GLU A 26 6.81 8.28 -15.84
C GLU A 26 7.84 9.40 -15.82
N GLY A 27 9.03 9.10 -15.36
CA GLY A 27 10.06 10.12 -15.23
C GLY A 27 9.90 10.90 -13.93
N GLY A 28 9.08 10.38 -13.03
CA GLY A 28 8.86 11.02 -11.76
C GLY A 28 8.80 10.01 -10.63
N PRO A 29 8.62 10.48 -9.38
CA PRO A 29 8.61 9.62 -8.20
C PRO A 29 7.33 8.80 -8.12
N SER A 30 7.46 7.55 -7.68
CA SER A 30 6.31 6.67 -7.52
C SER A 30 5.54 7.03 -6.26
N TYR A 31 4.25 6.77 -6.28
CA TYR A 31 3.40 7.01 -5.12
C TYR A 31 3.31 5.74 -4.30
N LYS A 32 3.68 5.79 -3.04
CA LYS A 32 3.75 4.56 -2.26
C LYS A 32 2.63 4.49 -1.22
N LEU A 33 2.01 3.33 -1.13
CA LEU A 33 0.89 3.12 -0.22
C LEU A 33 1.28 2.17 0.91
N PRO A 34 1.80 2.72 2.00
CA PRO A 34 2.25 1.95 3.16
C PRO A 34 1.12 1.25 3.90
N TYR A 35 1.12 -0.07 3.84
CA TYR A 35 0.08 -0.87 4.46
C TYR A 35 0.64 -1.73 5.59
N ASN A 36 0.05 -1.62 6.75
CA ASN A 36 0.33 -2.54 7.85
C ASN A 36 -0.72 -3.62 7.79
N THR A 37 -0.34 -4.86 8.00
CA THR A 37 -1.26 -5.96 7.73
C THR A 37 -2.39 -6.04 8.76
N SER A 38 -2.26 -5.26 9.83
CA SER A 38 -3.32 -5.16 10.83
C SER A 38 -4.07 -3.82 10.70
N ASP A 39 -3.83 -3.12 9.60
CA ASP A 39 -4.48 -1.83 9.35
C ASP A 39 -5.62 -2.02 8.34
N ASP A 40 -6.61 -1.15 8.38
CA ASP A 40 -7.78 -1.28 7.51
C ASP A 40 -7.54 -0.58 6.18
N PRO A 41 -8.13 -1.10 5.09
CA PRO A 41 -7.93 -0.55 3.75
C PRO A 41 -8.23 0.94 3.68
N TRP A 42 -9.47 1.30 4.00
CA TRP A 42 -9.91 2.68 3.91
C TRP A 42 -9.09 3.60 4.82
N LEU A 43 -8.54 3.03 5.89
CA LEU A 43 -7.70 3.80 6.80
C LEU A 43 -6.30 3.99 6.22
N THR A 44 -5.69 2.87 5.84
CA THR A 44 -4.37 2.88 5.22
C THR A 44 -4.33 3.76 3.99
N ALA A 45 -5.35 3.62 3.15
CA ALA A 45 -5.44 4.35 1.91
C ALA A 45 -5.70 5.82 2.17
N TYR A 46 -6.56 6.08 3.16
CA TYR A 46 -6.88 7.44 3.54
C TYR A 46 -5.62 8.14 4.06
N ASN A 47 -4.81 7.37 4.80
CA ASN A 47 -3.54 7.85 5.33
C ASN A 47 -2.64 8.34 4.20
N PHE A 48 -2.44 7.51 3.19
CA PHE A 48 -1.63 7.89 2.05
C PHE A 48 -2.30 9.00 1.25
N LEU A 49 -3.62 8.94 1.16
CA LEU A 49 -4.38 9.92 0.42
C LEU A 49 -4.19 11.31 1.01
N GLN A 50 -4.24 11.41 2.34
CA GLN A 50 -4.01 12.69 3.00
C GLN A 50 -2.52 13.02 3.05
N LYS A 51 -1.69 11.98 3.02
CA LYS A 51 -0.24 12.16 3.06
C LYS A 51 0.27 12.80 1.78
N ASN A 52 -0.23 12.33 0.64
CA ASN A 52 0.23 12.82 -0.64
C ASN A 52 -0.70 13.91 -1.17
N ASP A 53 -1.76 14.15 -0.39
CA ASP A 53 -2.79 15.14 -0.73
C ASP A 53 -3.52 14.75 -2.01
N LEU A 54 -4.10 13.56 -2.00
CA LEU A 54 -4.83 13.05 -3.16
C LEU A 54 -6.33 13.28 -3.00
N ASN A 55 -7.04 13.02 -4.08
CA ASN A 55 -8.48 13.10 -4.10
C ASN A 55 -9.06 11.87 -3.43
N PRO A 56 -10.06 12.06 -2.55
CA PRO A 56 -10.76 10.97 -1.86
C PRO A 56 -11.37 9.97 -2.85
N MET A 57 -11.46 10.40 -4.10
CA MET A 57 -11.92 9.55 -5.20
C MET A 57 -10.98 8.36 -5.39
N PHE A 58 -9.76 8.47 -4.88
CA PHE A 58 -8.75 7.44 -5.06
C PHE A 58 -8.82 6.41 -3.94
N LEU A 59 -9.52 6.76 -2.86
CA LEU A 59 -9.50 5.99 -1.61
C LEU A 59 -9.91 4.54 -1.82
N ASP A 60 -11.01 4.29 -2.52
CA ASP A 60 -11.47 2.91 -2.74
C ASP A 60 -10.45 2.13 -3.57
N GLN A 61 -9.83 2.79 -4.53
CA GLN A 61 -8.86 2.16 -5.42
C GLN A 61 -7.66 1.63 -4.62
N VAL A 62 -7.05 2.51 -3.84
CA VAL A 62 -5.90 2.13 -3.04
C VAL A 62 -6.29 1.13 -1.95
N ALA A 63 -7.44 1.37 -1.34
CA ALA A 63 -7.93 0.50 -0.26
C ALA A 63 -8.24 -0.91 -0.75
N LYS A 64 -8.83 -1.02 -1.93
CA LYS A 64 -9.15 -2.31 -2.50
C LYS A 64 -7.89 -3.10 -2.83
N PHE A 65 -6.85 -2.41 -3.28
CA PHE A 65 -5.57 -3.09 -3.51
C PHE A 65 -4.99 -3.52 -2.17
N ILE A 66 -5.11 -2.67 -1.16
CA ILE A 66 -4.73 -2.98 0.20
C ILE A 66 -5.38 -4.28 0.66
N ILE A 67 -6.69 -4.38 0.46
CA ILE A 67 -7.43 -5.57 0.79
C ILE A 67 -6.88 -6.78 0.04
N ASP A 68 -6.74 -6.64 -1.28
CA ASP A 68 -6.27 -7.74 -2.13
C ASP A 68 -4.88 -8.22 -1.73
N ASN A 69 -4.13 -7.39 -1.00
CA ASN A 69 -2.81 -7.78 -0.53
C ASN A 69 -2.91 -8.88 0.53
N THR A 70 -3.92 -8.79 1.39
CA THR A 70 -4.17 -9.81 2.41
C THR A 70 -5.23 -10.80 1.92
N LYS A 71 -6.14 -10.30 1.09
CA LYS A 71 -7.13 -11.13 0.44
C LYS A 71 -6.43 -11.98 -0.62
N GLY A 72 -7.09 -13.01 -1.10
CA GLY A 72 -6.49 -13.83 -2.13
C GLY A 72 -6.34 -13.10 -3.44
N GLN A 73 -5.16 -12.55 -3.64
CA GLN A 73 -4.85 -11.86 -4.87
C GLN A 73 -4.77 -12.85 -6.01
N MET A 74 -5.71 -12.75 -6.95
CA MET A 74 -5.80 -13.64 -8.10
C MET A 74 -6.27 -15.02 -7.68
N LEU A 75 -7.54 -15.31 -7.99
CA LEU A 75 -8.18 -16.61 -7.71
C LEU A 75 -8.50 -16.81 -6.23
N GLY A 76 -7.86 -16.03 -5.37
CA GLY A 76 -8.09 -16.16 -3.95
C GLY A 76 -9.38 -15.51 -3.50
N LEU A 77 -9.93 -16.00 -2.41
CA LEU A 77 -11.16 -15.47 -1.86
C LEU A 77 -10.87 -14.58 -0.65
N GLY A 78 -11.93 -14.11 -0.01
CA GLY A 78 -11.78 -13.29 1.17
C GLY A 78 -13.07 -13.17 1.94
N ASN A 79 -13.32 -14.13 2.83
CA ASN A 79 -14.55 -14.18 3.62
C ASN A 79 -15.77 -14.28 2.72
N PRO A 80 -16.06 -15.48 2.19
CA PRO A 80 -17.19 -15.69 1.28
C PRO A 80 -18.54 -15.66 2.01
N ALA A 1 10.23 -6.31 17.11
CA ALA A 1 9.22 -5.85 16.13
C ALA A 1 9.80 -4.85 15.13
N ASN A 2 11.10 -4.61 15.23
CA ASN A 2 11.75 -3.62 14.37
C ASN A 2 12.48 -4.29 13.22
N GLN A 3 11.91 -5.39 12.75
CA GLN A 3 12.49 -6.16 11.65
C GLN A 3 11.40 -7.00 10.98
N GLN A 4 11.00 -8.07 11.65
CA GLN A 4 9.97 -8.98 11.14
C GLN A 4 10.47 -9.75 9.91
N THR A 5 9.66 -10.69 9.44
CA THR A 5 10.08 -11.56 8.35
C THR A 5 9.16 -11.42 7.15
N SER A 6 8.33 -10.39 7.16
CA SER A 6 7.39 -10.15 6.07
C SER A 6 8.05 -9.40 4.91
N GLY A 7 9.24 -8.85 5.18
CA GLY A 7 9.94 -8.05 4.19
C GLY A 7 9.42 -6.63 4.20
N LYS A 8 10.14 -5.75 4.87
CA LYS A 8 9.67 -4.40 5.09
C LYS A 8 10.10 -3.46 3.98
N VAL A 9 9.24 -2.51 3.67
CA VAL A 9 9.48 -1.53 2.64
C VAL A 9 9.92 -0.22 3.27
N LEU A 10 10.90 0.44 2.67
CA LEU A 10 11.37 1.72 3.19
C LEU A 10 10.88 2.85 2.30
N TYR A 11 9.97 3.65 2.82
CA TYR A 11 9.44 4.82 2.12
C TYR A 11 9.77 6.07 2.95
N GLU A 12 10.38 7.07 2.32
CA GLU A 12 10.67 8.34 2.99
C GLU A 12 11.51 8.13 4.25
N GLY A 13 12.23 7.04 4.29
CA GLY A 13 13.06 6.71 5.43
C GLY A 13 12.29 6.04 6.56
N LYS A 14 11.10 5.55 6.26
CA LYS A 14 10.31 4.82 7.23
C LYS A 14 10.06 3.40 6.74
N GLU A 15 9.92 2.47 7.67
CA GLU A 15 9.74 1.06 7.33
C GLU A 15 8.31 0.61 7.56
N PHE A 16 7.76 -0.08 6.57
CA PHE A 16 6.41 -0.62 6.64
C PHE A 16 6.36 -2.02 6.08
N ASP A 17 5.28 -2.73 6.35
CA ASP A 17 5.10 -4.09 5.87
C ASP A 17 5.10 -4.13 4.35
N TYR A 18 4.02 -3.64 3.78
CA TYR A 18 3.86 -3.61 2.33
C TYR A 18 3.39 -2.25 1.89
N VAL A 19 4.30 -1.37 1.50
CA VAL A 19 3.89 -0.14 0.86
C VAL A 19 3.69 -0.44 -0.62
N PHE A 20 2.56 -0.02 -1.15
CA PHE A 20 2.20 -0.35 -2.52
C PHE A 20 2.75 0.67 -3.48
N SER A 21 3.21 0.20 -4.62
CA SER A 21 3.77 1.08 -5.62
C SER A 21 2.70 1.42 -6.63
N ILE A 22 2.35 2.68 -6.67
CA ILE A 22 1.30 3.15 -7.56
C ILE A 22 1.93 3.87 -8.75
N ASP A 23 1.70 3.31 -9.92
CA ASP A 23 2.32 3.82 -11.13
C ASP A 23 1.28 4.48 -12.02
N VAL A 24 1.58 5.69 -12.48
CA VAL A 24 0.68 6.43 -13.34
C VAL A 24 1.39 7.63 -13.96
N ASN A 25 2.25 8.25 -13.18
CA ASN A 25 3.03 9.39 -13.65
C ASN A 25 4.46 8.96 -13.95
N GLU A 26 4.99 9.45 -15.05
CA GLU A 26 6.29 9.03 -15.55
C GLU A 26 7.38 10.00 -15.12
N GLY A 27 8.47 9.47 -14.60
CA GLY A 27 9.63 10.29 -14.27
C GLY A 27 9.50 10.95 -12.90
N GLY A 28 8.32 11.47 -12.61
CA GLY A 28 8.10 12.13 -11.34
C GLY A 28 8.03 11.16 -10.18
N PRO A 29 7.71 11.65 -8.98
CA PRO A 29 7.64 10.78 -7.80
C PRO A 29 6.50 9.79 -7.89
N SER A 30 6.80 8.53 -7.59
CA SER A 30 5.82 7.47 -7.63
C SER A 30 5.06 7.40 -6.31
N TYR A 31 3.85 6.85 -6.34
CA TYR A 31 3.01 6.83 -5.16
C TYR A 31 3.24 5.54 -4.40
N LYS A 32 3.62 5.64 -3.14
CA LYS A 32 3.81 4.45 -2.34
C LYS A 32 2.82 4.43 -1.19
N LEU A 33 2.13 3.31 -1.04
CA LEU A 33 1.06 3.20 -0.05
C LEU A 33 1.47 2.26 1.09
N PRO A 34 2.10 2.82 2.14
CA PRO A 34 2.53 2.04 3.31
C PRO A 34 1.38 1.37 4.06
N TYR A 35 1.41 0.06 4.07
CA TYR A 35 0.36 -0.73 4.71
C TYR A 35 0.97 -1.72 5.71
N ASN A 36 0.46 -1.69 6.94
CA ASN A 36 0.79 -2.74 7.91
C ASN A 36 -0.32 -3.76 7.84
N THR A 37 0.02 -5.02 7.95
CA THR A 37 -0.92 -6.08 7.61
C THR A 37 -2.14 -6.14 8.54
N SER A 38 -2.13 -5.34 9.61
CA SER A 38 -3.26 -5.27 10.51
C SER A 38 -4.05 -3.97 10.32
N ASP A 39 -3.71 -3.22 9.29
CA ASP A 39 -4.39 -1.95 9.00
C ASP A 39 -5.64 -2.17 8.16
N ASP A 40 -6.57 -1.22 8.25
CA ASP A 40 -7.80 -1.27 7.46
C ASP A 40 -7.64 -0.51 6.16
N PRO A 41 -8.24 -1.01 5.07
CA PRO A 41 -8.03 -0.47 3.72
C PRO A 41 -8.27 1.01 3.58
N TRP A 42 -9.51 1.42 3.81
CA TRP A 42 -9.91 2.79 3.56
C TRP A 42 -9.20 3.75 4.51
N LEU A 43 -8.80 3.25 5.67
CA LEU A 43 -8.07 4.05 6.63
C LEU A 43 -6.64 4.27 6.15
N THR A 44 -5.98 3.17 5.82
CA THR A 44 -4.62 3.20 5.30
C THR A 44 -4.54 4.04 4.03
N ALA A 45 -5.50 3.83 3.15
CA ALA A 45 -5.54 4.50 1.87
C ALA A 45 -5.84 5.98 2.06
N TYR A 46 -6.75 6.27 2.98
CA TYR A 46 -7.14 7.65 3.27
C TYR A 46 -5.94 8.42 3.79
N ASN A 47 -5.18 7.78 4.66
CA ASN A 47 -3.98 8.38 5.24
C ASN A 47 -3.00 8.78 4.14
N PHE A 48 -2.69 7.84 3.26
CA PHE A 48 -1.78 8.11 2.15
C PHE A 48 -2.37 9.14 1.20
N LEU A 49 -3.67 9.05 0.98
CA LEU A 49 -4.35 9.96 0.09
C LEU A 49 -4.20 11.40 0.56
N GLN A 50 -4.31 11.62 1.85
CA GLN A 50 -4.13 12.96 2.40
C GLN A 50 -2.65 13.31 2.51
N LYS A 51 -1.83 12.30 2.73
CA LYS A 51 -0.38 12.49 2.85
C LYS A 51 0.21 13.01 1.55
N ASN A 52 -0.21 12.43 0.43
CA ASN A 52 0.35 12.81 -0.85
C ASN A 52 -0.56 13.83 -1.53
N ASP A 53 -1.64 14.18 -0.83
CA ASP A 53 -2.66 15.09 -1.34
C ASP A 53 -3.25 14.59 -2.64
N LEU A 54 -3.86 13.41 -2.58
CA LEU A 54 -4.50 12.81 -3.75
C LEU A 54 -6.00 13.07 -3.73
N ASN A 55 -6.65 12.64 -4.79
CA ASN A 55 -8.09 12.77 -4.93
C ASN A 55 -8.77 11.60 -4.23
N PRO A 56 -9.84 11.88 -3.47
CA PRO A 56 -10.63 10.87 -2.75
C PRO A 56 -11.15 9.77 -3.67
N MET A 57 -11.12 10.05 -4.97
CA MET A 57 -11.50 9.08 -6.00
C MET A 57 -10.55 7.88 -5.98
N PHE A 58 -9.36 8.08 -5.45
CA PHE A 58 -8.32 7.05 -5.46
C PHE A 58 -8.49 6.11 -4.28
N LEU A 59 -9.17 6.59 -3.25
CA LEU A 59 -9.28 5.90 -1.96
C LEU A 59 -9.72 4.45 -2.10
N ASP A 60 -10.75 4.21 -2.91
CA ASP A 60 -11.26 2.85 -3.09
C ASP A 60 -10.22 1.95 -3.75
N GLN A 61 -9.54 2.48 -4.76
CA GLN A 61 -8.55 1.72 -5.51
C GLN A 61 -7.41 1.26 -4.61
N VAL A 62 -6.82 2.20 -3.89
CA VAL A 62 -5.72 1.89 -2.98
C VAL A 62 -6.18 0.96 -1.86
N ALA A 63 -7.34 1.24 -1.29
CA ALA A 63 -7.90 0.44 -0.20
C ALA A 63 -8.17 -0.99 -0.63
N LYS A 64 -8.77 -1.16 -1.80
CA LYS A 64 -9.10 -2.49 -2.28
C LYS A 64 -7.84 -3.30 -2.59
N PHE A 65 -6.77 -2.63 -2.98
CA PHE A 65 -5.50 -3.32 -3.18
C PHE A 65 -4.92 -3.72 -1.83
N ILE A 66 -5.01 -2.81 -0.87
CA ILE A 66 -4.68 -3.10 0.52
C ILE A 66 -5.38 -4.37 0.97
N ILE A 67 -6.69 -4.38 0.76
CA ILE A 67 -7.53 -5.52 1.08
C ILE A 67 -7.03 -6.80 0.44
N ASP A 68 -6.75 -6.75 -0.85
CA ASP A 68 -6.38 -7.94 -1.59
C ASP A 68 -5.04 -8.49 -1.12
N ASN A 69 -4.16 -7.60 -0.67
CA ASN A 69 -2.84 -7.99 -0.17
C ASN A 69 -2.99 -8.91 1.05
N THR A 70 -4.07 -8.73 1.79
CA THR A 70 -4.37 -9.61 2.92
C THR A 70 -5.61 -10.46 2.63
N LYS A 71 -6.07 -10.42 1.39
CA LYS A 71 -7.20 -11.22 0.97
C LYS A 71 -6.72 -12.50 0.29
N GLY A 72 -6.29 -12.38 -0.96
CA GLY A 72 -5.76 -13.54 -1.66
C GLY A 72 -4.55 -13.20 -2.52
N GLN A 73 -4.27 -11.90 -2.66
CA GLN A 73 -3.17 -11.44 -3.50
C GLN A 73 -3.38 -11.88 -4.94
N MET A 74 -4.16 -11.07 -5.66
CA MET A 74 -4.62 -11.37 -7.02
C MET A 74 -5.77 -12.35 -6.98
N LEU A 75 -6.96 -11.84 -7.32
CA LEU A 75 -8.21 -12.59 -7.31
C LEU A 75 -8.67 -12.83 -5.88
N GLY A 76 -8.01 -13.74 -5.20
CA GLY A 76 -8.36 -14.03 -3.82
C GLY A 76 -8.20 -15.50 -3.49
N LEU A 77 -8.84 -15.93 -2.42
CA LEU A 77 -8.79 -17.33 -2.01
C LEU A 77 -10.09 -18.04 -2.36
N GLY A 78 -11.07 -17.91 -1.48
CA GLY A 78 -12.37 -18.47 -1.71
C GLY A 78 -13.20 -18.47 -0.46
N ASN A 79 -13.66 -19.65 -0.05
CA ASN A 79 -14.44 -19.79 1.16
C ASN A 79 -13.62 -20.53 2.23
N PRO A 80 -12.98 -19.77 3.13
CA PRO A 80 -12.14 -20.33 4.19
C PRO A 80 -12.93 -21.21 5.15
N ALA A 1 20.45 5.09 12.59
CA ALA A 1 20.50 6.05 11.47
C ALA A 1 19.67 5.54 10.29
N ASN A 2 20.09 4.44 9.70
CA ASN A 2 19.37 3.83 8.58
C ASN A 2 19.81 2.40 8.37
N GLN A 3 18.86 1.52 8.11
CA GLN A 3 19.15 0.09 7.93
C GLN A 3 18.67 -0.38 6.57
N GLN A 4 18.56 -1.69 6.42
CA GLN A 4 18.00 -2.27 5.20
C GLN A 4 16.77 -3.08 5.55
N THR A 5 16.98 -4.08 6.41
CA THR A 5 15.92 -4.92 6.99
C THR A 5 14.91 -5.45 5.98
N SER A 6 15.05 -6.73 5.66
CA SER A 6 14.14 -7.40 4.75
C SER A 6 12.81 -7.68 5.47
N GLY A 7 11.84 -8.20 4.73
CA GLY A 7 10.53 -8.44 5.30
C GLY A 7 9.65 -7.20 5.25
N LYS A 8 10.11 -6.13 5.88
CA LYS A 8 9.40 -4.87 5.86
C LYS A 8 9.87 -4.01 4.68
N VAL A 9 9.07 -3.01 4.35
CA VAL A 9 9.35 -2.14 3.21
C VAL A 9 9.83 -0.78 3.69
N LEU A 10 11.05 -0.44 3.35
CA LEU A 10 11.59 0.87 3.66
C LEU A 10 11.22 1.86 2.56
N TYR A 11 10.34 2.79 2.89
CA TYR A 11 9.91 3.81 1.95
C TYR A 11 10.33 5.19 2.48
N GLU A 12 11.09 5.92 1.68
CA GLU A 12 11.49 7.30 2.00
C GLU A 12 12.18 7.40 3.37
N GLY A 13 12.63 6.28 3.88
CA GLY A 13 13.34 6.25 5.14
C GLY A 13 12.50 5.77 6.31
N LYS A 14 11.30 5.28 6.04
CA LYS A 14 10.48 4.67 7.08
C LYS A 14 10.07 3.26 6.68
N GLU A 15 9.88 2.40 7.66
CA GLU A 15 9.55 1.01 7.39
C GLU A 15 8.07 0.74 7.61
N PHE A 16 7.50 -0.02 6.70
CA PHE A 16 6.12 -0.47 6.80
C PHE A 16 6.01 -1.94 6.45
N ASP A 17 4.83 -2.52 6.67
CA ASP A 17 4.62 -3.92 6.36
C ASP A 17 4.81 -4.17 4.88
N TYR A 18 3.90 -3.60 4.10
CA TYR A 18 3.92 -3.75 2.66
C TYR A 18 3.47 -2.46 2.00
N VAL A 19 4.41 -1.68 1.48
CA VAL A 19 4.05 -0.48 0.75
C VAL A 19 3.88 -0.83 -0.73
N PHE A 20 2.83 -0.29 -1.33
CA PHE A 20 2.53 -0.57 -2.73
C PHE A 20 3.22 0.45 -3.61
N SER A 21 3.64 0.02 -4.78
CA SER A 21 4.30 0.92 -5.70
C SER A 21 3.29 1.40 -6.74
N ILE A 22 3.03 2.69 -6.75
CA ILE A 22 1.99 3.26 -7.57
C ILE A 22 2.58 4.03 -8.75
N ASP A 23 2.23 3.58 -9.95
CA ASP A 23 2.66 4.26 -11.17
C ASP A 23 1.49 5.00 -11.79
N VAL A 24 1.73 6.22 -12.22
CA VAL A 24 0.68 7.04 -12.82
C VAL A 24 1.27 8.30 -13.43
N ASN A 25 2.19 8.93 -12.70
CA ASN A 25 2.83 10.15 -13.17
C ASN A 25 4.17 9.84 -13.79
N GLU A 26 4.27 9.97 -15.10
CA GLU A 26 5.55 9.82 -15.78
C GLU A 26 6.15 11.19 -16.00
N GLY A 27 7.39 11.36 -15.57
CA GLY A 27 8.02 12.67 -15.58
C GLY A 27 7.70 13.42 -14.31
N GLY A 28 7.26 12.68 -13.30
CA GLY A 28 6.88 13.28 -12.03
C GLY A 28 7.12 12.32 -10.88
N PRO A 29 6.58 12.64 -9.68
CA PRO A 29 6.79 11.82 -8.48
C PRO A 29 6.00 10.51 -8.50
N SER A 30 6.67 9.43 -8.14
CA SER A 30 6.04 8.12 -8.01
C SER A 30 5.44 7.96 -6.62
N TYR A 31 4.43 7.11 -6.49
CA TYR A 31 3.73 6.95 -5.23
C TYR A 31 4.04 5.60 -4.61
N LYS A 32 4.19 5.58 -3.30
CA LYS A 32 4.25 4.32 -2.57
C LYS A 32 3.15 4.32 -1.54
N LEU A 33 2.48 3.19 -1.36
CA LEU A 33 1.38 3.11 -0.42
C LEU A 33 1.76 2.18 0.73
N PRO A 34 2.37 2.73 1.78
CA PRO A 34 2.73 1.97 2.97
C PRO A 34 1.51 1.42 3.68
N TYR A 35 1.38 0.10 3.65
CA TYR A 35 0.30 -0.57 4.33
C TYR A 35 0.82 -1.37 5.51
N ASN A 36 0.24 -1.14 6.68
CA ASN A 36 0.51 -1.97 7.83
C ASN A 36 -0.67 -2.91 8.01
N THR A 37 -0.37 -4.19 8.15
CA THR A 37 -1.37 -5.25 7.99
C THR A 37 -2.42 -5.27 9.10
N SER A 38 -2.23 -4.44 10.11
CA SER A 38 -3.19 -4.35 11.22
C SER A 38 -4.22 -3.26 10.96
N ASP A 39 -4.10 -2.59 9.82
CA ASP A 39 -4.94 -1.44 9.52
C ASP A 39 -5.93 -1.74 8.40
N ASP A 40 -7.03 -1.00 8.38
CA ASP A 40 -8.09 -1.18 7.40
C ASP A 40 -7.72 -0.51 6.08
N PRO A 41 -8.15 -1.09 4.94
CA PRO A 41 -7.80 -0.59 3.61
C PRO A 41 -8.10 0.89 3.44
N TRP A 42 -9.37 1.23 3.59
CA TRP A 42 -9.83 2.59 3.38
C TRP A 42 -9.15 3.57 4.33
N LEU A 43 -8.69 3.08 5.48
CA LEU A 43 -7.98 3.91 6.44
C LEU A 43 -6.53 4.13 6.00
N THR A 44 -5.85 3.03 5.69
CA THR A 44 -4.46 3.09 5.21
C THR A 44 -4.35 3.91 3.92
N ALA A 45 -5.25 3.65 3.00
CA ALA A 45 -5.26 4.31 1.72
C ALA A 45 -5.61 5.78 1.89
N TYR A 46 -6.54 6.05 2.79
CA TYR A 46 -6.96 7.41 3.08
C TYR A 46 -5.79 8.19 3.68
N ASN A 47 -5.02 7.49 4.52
CA ASN A 47 -3.84 8.07 5.15
C ASN A 47 -2.84 8.54 4.10
N PHE A 48 -2.56 7.68 3.13
CA PHE A 48 -1.66 8.04 2.04
C PHE A 48 -2.30 9.09 1.14
N LEU A 49 -3.60 8.97 0.93
CA LEU A 49 -4.33 9.89 0.07
C LEU A 49 -4.27 11.31 0.63
N GLN A 50 -4.47 11.44 1.93
CA GLN A 50 -4.40 12.75 2.57
C GLN A 50 -2.95 13.19 2.71
N LYS A 51 -2.04 12.22 2.77
CA LYS A 51 -0.62 12.50 2.94
C LYS A 51 -0.04 13.15 1.70
N ASN A 52 -0.39 12.62 0.53
CA ASN A 52 0.17 13.11 -0.70
C ASN A 52 -0.80 14.07 -1.38
N ASP A 53 -1.94 14.28 -0.73
CA ASP A 53 -3.01 15.12 -1.26
C ASP A 53 -3.54 14.58 -2.59
N LEU A 54 -4.03 13.35 -2.57
CA LEU A 54 -4.58 12.72 -3.76
C LEU A 54 -6.09 12.85 -3.76
N ASN A 55 -6.69 12.52 -4.89
CA ASN A 55 -8.15 12.57 -5.03
C ASN A 55 -8.77 11.36 -4.35
N PRO A 56 -9.90 11.57 -3.65
CA PRO A 56 -10.62 10.50 -2.93
C PRO A 56 -11.04 9.36 -3.84
N MET A 57 -11.01 9.58 -5.14
CA MET A 57 -11.32 8.54 -6.12
C MET A 57 -10.24 7.46 -6.12
N PHE A 58 -9.06 7.81 -5.62
CA PHE A 58 -7.93 6.89 -5.61
C PHE A 58 -8.01 5.94 -4.45
N LEU A 59 -8.76 6.36 -3.43
CA LEU A 59 -8.89 5.62 -2.17
C LEU A 59 -9.32 4.17 -2.41
N ASP A 60 -10.33 3.98 -3.24
CA ASP A 60 -10.82 2.63 -3.51
C ASP A 60 -9.75 1.76 -4.17
N GLN A 61 -9.01 2.35 -5.12
CA GLN A 61 -7.97 1.64 -5.84
C GLN A 61 -6.89 1.14 -4.88
N VAL A 62 -6.34 2.04 -4.09
CA VAL A 62 -5.27 1.71 -3.16
C VAL A 62 -5.77 0.77 -2.08
N ALA A 63 -6.95 1.06 -1.55
CA ALA A 63 -7.54 0.24 -0.48
C ALA A 63 -7.81 -1.18 -0.95
N LYS A 64 -8.29 -1.33 -2.19
CA LYS A 64 -8.58 -2.64 -2.74
C LYS A 64 -7.32 -3.48 -2.86
N PHE A 65 -6.25 -2.87 -3.31
CA PHE A 65 -4.97 -3.56 -3.39
C PHE A 65 -4.53 -3.98 -1.99
N ILE A 66 -4.67 -3.06 -1.04
CA ILE A 66 -4.43 -3.34 0.36
C ILE A 66 -5.20 -4.59 0.79
N ILE A 67 -6.49 -4.58 0.51
CA ILE A 67 -7.37 -5.68 0.84
C ILE A 67 -6.87 -6.99 0.27
N ASP A 68 -6.64 -7.03 -1.04
CA ASP A 68 -6.29 -8.27 -1.72
C ASP A 68 -5.04 -8.92 -1.10
N ASN A 69 -4.14 -8.08 -0.59
CA ASN A 69 -2.93 -8.57 0.06
C ASN A 69 -3.24 -9.43 1.29
N THR A 70 -4.21 -8.99 2.11
CA THR A 70 -4.60 -9.74 3.30
C THR A 70 -5.78 -10.67 3.00
N LYS A 71 -6.58 -10.27 2.02
CA LYS A 71 -7.72 -11.04 1.54
C LYS A 71 -7.32 -12.46 1.16
N GLY A 72 -6.64 -12.58 0.03
CA GLY A 72 -6.14 -13.85 -0.44
C GLY A 72 -5.62 -13.72 -1.83
N GLN A 73 -6.57 -13.60 -2.75
CA GLN A 73 -6.32 -13.41 -4.15
C GLN A 73 -7.66 -13.38 -4.85
N MET A 74 -8.14 -12.18 -5.16
CA MET A 74 -9.44 -11.97 -5.82
C MET A 74 -10.59 -12.21 -4.83
N LEU A 75 -10.54 -13.33 -4.14
CA LEU A 75 -11.56 -13.70 -3.16
C LEU A 75 -10.91 -14.06 -1.84
N GLY A 76 -9.88 -14.88 -1.95
CA GLY A 76 -9.18 -15.39 -0.78
C GLY A 76 -8.47 -16.68 -1.11
N LEU A 77 -7.94 -16.76 -2.32
CA LEU A 77 -7.34 -17.98 -2.83
C LEU A 77 -5.85 -17.78 -3.05
N GLY A 78 -5.26 -18.68 -3.81
CA GLY A 78 -3.86 -18.58 -4.15
C GLY A 78 -3.37 -19.85 -4.83
N ASN A 79 -2.32 -19.73 -5.63
CA ASN A 79 -1.77 -20.90 -6.30
C ASN A 79 -0.65 -21.51 -5.47
N PRO A 80 -0.82 -22.76 -5.04
CA PRO A 80 0.14 -23.46 -4.18
C PRO A 80 1.49 -23.67 -4.86
N ALA A 1 16.12 -16.52 -3.86
CA ALA A 1 15.95 -16.00 -2.48
C ALA A 1 15.66 -14.51 -2.52
N ASN A 2 14.66 -14.09 -1.75
CA ASN A 2 14.27 -12.68 -1.69
C ASN A 2 14.03 -12.26 -0.25
N GLN A 3 13.34 -13.12 0.50
CA GLN A 3 12.97 -12.83 1.87
C GLN A 3 13.18 -14.05 2.76
N GLN A 4 13.78 -13.83 3.92
CA GLN A 4 14.01 -14.90 4.88
C GLN A 4 12.80 -15.06 5.78
N THR A 5 12.12 -13.95 6.01
CA THR A 5 10.91 -13.90 6.83
C THR A 5 10.50 -12.45 7.01
N SER A 6 11.47 -11.56 6.88
CA SER A 6 11.23 -10.12 6.92
C SER A 6 10.96 -9.60 5.52
N GLY A 7 10.80 -8.30 5.39
CA GLY A 7 10.57 -7.71 4.10
C GLY A 7 9.74 -6.46 4.20
N LYS A 8 10.24 -5.49 4.95
CA LYS A 8 9.54 -4.25 5.15
C LYS A 8 9.94 -3.25 4.08
N VAL A 9 8.97 -2.49 3.62
CA VAL A 9 9.13 -1.63 2.48
C VAL A 9 9.54 -0.23 2.89
N LEU A 10 10.62 0.27 2.31
CA LEU A 10 11.07 1.62 2.59
C LEU A 10 10.33 2.62 1.71
N TYR A 11 9.58 3.51 2.36
CA TYR A 11 8.89 4.58 1.66
C TYR A 11 9.39 5.92 2.18
N GLU A 12 9.99 6.70 1.30
CA GLU A 12 10.42 8.07 1.63
C GLU A 12 11.36 8.13 2.84
N GLY A 13 11.91 6.98 3.19
CA GLY A 13 12.85 6.92 4.31
C GLY A 13 12.34 6.13 5.50
N LYS A 14 11.05 5.81 5.53
CA LYS A 14 10.49 4.99 6.60
C LYS A 14 10.15 3.61 6.08
N GLU A 15 10.11 2.64 6.98
CA GLU A 15 9.80 1.26 6.60
C GLU A 15 8.42 0.85 7.09
N PHE A 16 7.68 0.17 6.22
CA PHE A 16 6.35 -0.35 6.57
C PHE A 16 6.21 -1.79 6.13
N ASP A 17 5.11 -2.43 6.55
CA ASP A 17 4.84 -3.83 6.21
C ASP A 17 4.84 -4.01 4.69
N TYR A 18 3.82 -3.47 4.06
CA TYR A 18 3.67 -3.55 2.62
C TYR A 18 3.21 -2.23 2.05
N VAL A 19 4.13 -1.44 1.50
CA VAL A 19 3.73 -0.23 0.82
C VAL A 19 3.56 -0.53 -0.67
N PHE A 20 2.51 0.02 -1.25
CA PHE A 20 2.20 -0.22 -2.66
C PHE A 20 2.87 0.83 -3.52
N SER A 21 3.25 0.46 -4.73
CA SER A 21 3.87 1.39 -5.65
C SER A 21 2.85 1.82 -6.69
N ILE A 22 2.55 3.11 -6.69
CA ILE A 22 1.54 3.66 -7.55
C ILE A 22 2.17 4.48 -8.67
N ASP A 23 1.89 4.06 -9.90
CA ASP A 23 2.35 4.76 -11.08
C ASP A 23 1.24 5.65 -11.62
N VAL A 24 1.47 6.95 -11.58
CA VAL A 24 0.52 7.91 -12.10
C VAL A 24 1.20 8.82 -13.12
N ASN A 25 1.97 9.77 -12.62
CA ASN A 25 2.77 10.63 -13.48
C ASN A 25 4.15 10.03 -13.69
N GLU A 26 4.41 9.55 -14.90
CA GLU A 26 5.69 8.93 -15.21
C GLU A 26 6.79 10.00 -15.26
N GLY A 27 7.94 9.67 -14.68
CA GLY A 27 9.02 10.63 -14.60
C GLY A 27 8.83 11.58 -13.44
N GLY A 28 8.29 11.05 -12.35
CA GLY A 28 8.00 11.88 -11.20
C GLY A 28 8.16 11.11 -9.91
N PRO A 29 7.78 11.71 -8.78
CA PRO A 29 7.77 11.03 -7.48
C PRO A 29 6.93 9.75 -7.53
N SER A 30 7.47 8.67 -7.02
CA SER A 30 6.75 7.41 -6.96
C SER A 30 5.77 7.45 -5.80
N TYR A 31 4.54 7.03 -6.04
CA TYR A 31 3.54 7.09 -4.99
C TYR A 31 3.52 5.77 -4.25
N LYS A 32 3.78 5.80 -2.96
CA LYS A 32 3.87 4.57 -2.21
C LYS A 32 2.81 4.53 -1.12
N LEU A 33 2.07 3.45 -1.06
CA LEU A 33 0.99 3.29 -0.09
C LEU A 33 1.41 2.34 1.02
N PRO A 34 2.02 2.87 2.09
CA PRO A 34 2.47 2.07 3.23
C PRO A 34 1.34 1.45 4.00
N TYR A 35 1.22 0.15 3.92
CA TYR A 35 0.17 -0.56 4.61
C TYR A 35 0.75 -1.46 5.68
N ASN A 36 0.28 -1.27 6.90
CA ASN A 36 0.59 -2.19 7.97
C ASN A 36 -0.56 -3.19 8.05
N THR A 37 -0.22 -4.45 8.14
CA THR A 37 -1.18 -5.53 7.89
C THR A 37 -2.32 -5.58 8.90
N SER A 38 -2.25 -4.77 9.94
CA SER A 38 -3.28 -4.73 10.95
C SER A 38 -4.19 -3.50 10.78
N ASP A 39 -4.08 -2.82 9.66
CA ASP A 39 -4.85 -1.60 9.41
C ASP A 39 -5.95 -1.84 8.38
N ASP A 40 -7.00 -1.02 8.42
CA ASP A 40 -8.12 -1.16 7.50
C ASP A 40 -7.82 -0.48 6.17
N PRO A 41 -8.29 -1.04 5.05
CA PRO A 41 -7.98 -0.53 3.71
C PRO A 41 -8.30 0.94 3.56
N TRP A 42 -9.57 1.28 3.73
CA TRP A 42 -10.05 2.63 3.54
C TRP A 42 -9.33 3.62 4.47
N LEU A 43 -8.83 3.14 5.59
CA LEU A 43 -8.09 3.98 6.52
C LEU A 43 -6.65 4.18 6.03
N THR A 44 -5.96 3.07 5.80
CA THR A 44 -4.58 3.10 5.32
C THR A 44 -4.47 3.93 4.04
N ALA A 45 -5.41 3.72 3.14
CA ALA A 45 -5.43 4.37 1.86
C ALA A 45 -5.73 5.86 2.02
N TYR A 46 -6.65 6.15 2.92
CA TYR A 46 -7.04 7.52 3.21
C TYR A 46 -5.85 8.29 3.78
N ASN A 47 -5.12 7.61 4.65
CA ASN A 47 -3.94 8.19 5.27
C ASN A 47 -2.92 8.63 4.21
N PHE A 48 -2.57 7.72 3.31
CA PHE A 48 -1.66 8.05 2.22
C PHE A 48 -2.27 9.09 1.29
N LEU A 49 -3.57 8.97 1.04
CA LEU A 49 -4.27 9.92 0.18
C LEU A 49 -4.17 11.34 0.74
N GLN A 50 -4.26 11.44 2.05
CA GLN A 50 -4.06 12.72 2.72
C GLN A 50 -2.59 13.13 2.69
N LYS A 51 -1.74 12.18 3.04
CA LYS A 51 -0.31 12.42 3.14
C LYS A 51 0.28 12.93 1.84
N ASN A 52 -0.12 12.33 0.73
CA ASN A 52 0.44 12.72 -0.56
C ASN A 52 -0.46 13.71 -1.27
N ASP A 53 -1.59 13.99 -0.63
CA ASP A 53 -2.62 14.87 -1.19
C ASP A 53 -3.14 14.34 -2.53
N LEU A 54 -3.71 13.15 -2.49
CA LEU A 54 -4.28 12.54 -3.68
C LEU A 54 -5.78 12.76 -3.72
N ASN A 55 -6.35 12.46 -4.86
CA ASN A 55 -7.78 12.57 -5.07
C ASN A 55 -8.51 11.41 -4.42
N PRO A 56 -9.68 11.68 -3.80
CA PRO A 56 -10.48 10.65 -3.12
C PRO A 56 -10.91 9.52 -4.07
N MET A 57 -10.80 9.77 -5.37
CA MET A 57 -11.10 8.78 -6.39
C MET A 57 -10.13 7.60 -6.29
N PHE A 58 -8.99 7.84 -5.64
CA PHE A 58 -7.95 6.83 -5.54
C PHE A 58 -8.19 5.93 -4.35
N LEU A 59 -8.95 6.43 -3.38
CA LEU A 59 -9.11 5.77 -2.08
C LEU A 59 -9.57 4.33 -2.21
N ASP A 60 -10.47 4.05 -3.13
CA ASP A 60 -10.93 2.68 -3.30
C ASP A 60 -9.83 1.80 -3.89
N GLN A 61 -9.17 2.29 -4.94
CA GLN A 61 -8.17 1.50 -5.65
C GLN A 61 -7.00 1.11 -4.72
N VAL A 62 -6.55 2.07 -3.93
CA VAL A 62 -5.45 1.81 -3.00
C VAL A 62 -5.91 0.87 -1.88
N ALA A 63 -7.11 1.12 -1.37
CA ALA A 63 -7.67 0.29 -0.30
C ALA A 63 -7.89 -1.14 -0.79
N LYS A 64 -8.29 -1.29 -2.04
CA LYS A 64 -8.53 -2.61 -2.62
C LYS A 64 -7.24 -3.39 -2.78
N PHE A 65 -6.15 -2.69 -3.06
CA PHE A 65 -4.85 -3.36 -3.09
C PHE A 65 -4.46 -3.80 -1.68
N ILE A 66 -4.70 -2.92 -0.72
CA ILE A 66 -4.52 -3.23 0.69
C ILE A 66 -5.26 -4.51 1.06
N ILE A 67 -6.54 -4.54 0.74
CA ILE A 67 -7.37 -5.70 0.98
C ILE A 67 -6.80 -6.93 0.30
N ASP A 68 -6.50 -6.80 -0.99
CA ASP A 68 -5.96 -7.90 -1.78
C ASP A 68 -4.75 -8.53 -1.10
N ASN A 69 -3.87 -7.66 -0.58
CA ASN A 69 -2.66 -8.09 0.10
C ASN A 69 -2.96 -9.00 1.29
N THR A 70 -4.10 -8.76 1.94
CA THR A 70 -4.48 -9.54 3.13
C THR A 70 -5.73 -10.38 2.85
N LYS A 71 -6.10 -10.50 1.58
CA LYS A 71 -7.26 -11.29 1.20
C LYS A 71 -6.82 -12.47 0.34
N GLY A 72 -6.71 -12.23 -0.96
CA GLY A 72 -6.23 -13.24 -1.87
C GLY A 72 -6.40 -12.83 -3.31
N GLN A 73 -7.66 -12.84 -3.77
CA GLN A 73 -8.01 -12.55 -5.16
C GLN A 73 -7.44 -13.62 -6.08
N MET A 74 -6.13 -13.59 -6.26
CA MET A 74 -5.42 -14.62 -7.01
C MET A 74 -5.34 -15.89 -6.17
N LEU A 75 -6.33 -16.78 -6.35
CA LEU A 75 -6.38 -18.07 -5.67
C LEU A 75 -6.78 -17.92 -4.20
N GLY A 76 -6.14 -16.99 -3.49
CA GLY A 76 -6.46 -16.77 -2.10
C GLY A 76 -5.24 -16.84 -1.22
N LEU A 77 -5.28 -16.11 -0.10
CA LEU A 77 -4.21 -16.12 0.90
C LEU A 77 -2.90 -15.59 0.35
N GLY A 78 -1.88 -15.60 1.19
CA GLY A 78 -0.54 -15.20 0.80
C GLY A 78 0.51 -15.86 1.66
N ASN A 79 0.57 -17.19 1.56
CA ASN A 79 1.46 -18.03 2.38
C ASN A 79 1.01 -18.01 3.85
N PRO A 80 0.24 -19.03 4.25
CA PRO A 80 -0.30 -19.13 5.61
C PRO A 80 0.80 -19.35 6.64
N ALA A 1 15.75 -12.64 9.77
CA ALA A 1 16.34 -12.36 11.09
C ALA A 1 15.90 -10.98 11.58
N ASN A 2 15.87 -10.82 12.90
CA ASN A 2 15.43 -9.58 13.52
C ASN A 2 16.64 -8.69 13.83
N GLN A 3 17.64 -8.76 12.96
CA GLN A 3 18.86 -7.98 13.14
C GLN A 3 18.92 -6.84 12.14
N GLN A 4 18.89 -7.20 10.86
CA GLN A 4 19.00 -6.22 9.79
C GLN A 4 17.63 -5.59 9.51
N THR A 5 17.62 -4.59 8.64
CA THR A 5 16.39 -3.93 8.26
C THR A 5 16.03 -4.27 6.81
N SER A 6 15.67 -5.53 6.57
CA SER A 6 15.37 -6.00 5.24
C SER A 6 14.09 -6.83 5.23
N GLY A 7 13.25 -6.62 6.23
CA GLY A 7 11.98 -7.33 6.29
C GLY A 7 10.83 -6.43 5.91
N LYS A 8 10.90 -5.18 6.36
CA LYS A 8 9.93 -4.19 6.03
C LYS A 8 10.36 -3.39 4.80
N VAL A 9 9.40 -2.68 4.21
CA VAL A 9 9.64 -1.87 3.03
C VAL A 9 9.99 -0.45 3.44
N LEU A 10 11.14 0.03 2.99
CA LEU A 10 11.59 1.37 3.34
C LEU A 10 11.14 2.37 2.29
N TYR A 11 10.22 3.23 2.67
CA TYR A 11 9.75 4.28 1.79
C TYR A 11 10.08 5.65 2.42
N GLU A 12 10.90 6.43 1.73
CA GLU A 12 11.26 7.79 2.16
C GLU A 12 11.81 7.82 3.59
N GLY A 13 12.32 6.69 4.02
CA GLY A 13 12.96 6.60 5.33
C GLY A 13 12.14 5.85 6.36
N LYS A 14 10.89 5.52 6.04
CA LYS A 14 10.03 4.78 6.98
C LYS A 14 9.85 3.35 6.50
N GLU A 15 9.60 2.46 7.45
CA GLU A 15 9.45 1.04 7.15
C GLU A 15 8.00 0.59 7.36
N PHE A 16 7.48 -0.15 6.39
CA PHE A 16 6.13 -0.69 6.49
C PHE A 16 6.08 -2.14 6.00
N ASP A 17 4.95 -2.80 6.21
CA ASP A 17 4.80 -4.20 5.83
C ASP A 17 4.95 -4.36 4.33
N TYR A 18 3.98 -3.80 3.61
CA TYR A 18 3.97 -3.86 2.15
C TYR A 18 3.57 -2.51 1.58
N VAL A 19 4.51 -1.76 1.04
CA VAL A 19 4.17 -0.51 0.40
C VAL A 19 4.03 -0.75 -1.12
N PHE A 20 2.93 -0.27 -1.66
CA PHE A 20 2.64 -0.46 -3.07
C PHE A 20 3.21 0.70 -3.89
N SER A 21 3.55 0.46 -5.13
CA SER A 21 4.07 1.53 -5.97
C SER A 21 2.97 2.08 -6.86
N ILE A 22 2.70 3.37 -6.70
CA ILE A 22 1.64 4.05 -7.42
C ILE A 22 2.21 4.83 -8.58
N ASP A 23 1.80 4.47 -9.78
CA ASP A 23 2.16 5.23 -10.97
C ASP A 23 0.92 5.90 -11.56
N VAL A 24 0.92 7.22 -11.55
CA VAL A 24 -0.19 7.98 -12.10
C VAL A 24 0.32 9.12 -12.96
N ASN A 25 1.33 9.83 -12.48
CA ASN A 25 2.01 10.82 -13.29
C ASN A 25 3.45 10.38 -13.51
N GLU A 26 3.80 10.18 -14.78
CA GLU A 26 5.15 9.76 -15.13
C GLU A 26 6.00 10.97 -15.45
N GLY A 27 7.16 11.06 -14.81
CA GLY A 27 8.01 12.21 -14.96
C GLY A 27 8.16 12.94 -13.65
N GLY A 28 7.14 12.83 -12.82
CA GLY A 28 7.20 13.40 -11.49
C GLY A 28 7.52 12.34 -10.45
N PRO A 29 7.38 12.67 -9.16
CA PRO A 29 7.66 11.73 -8.07
C PRO A 29 6.68 10.55 -8.05
N SER A 30 7.22 9.35 -7.91
CA SER A 30 6.40 8.15 -7.86
C SER A 30 5.83 7.98 -6.46
N TYR A 31 4.65 7.39 -6.36
CA TYR A 31 3.97 7.27 -5.09
C TYR A 31 4.16 5.88 -4.52
N LYS A 32 4.25 5.76 -3.21
CA LYS A 32 4.28 4.46 -2.57
C LYS A 32 3.17 4.39 -1.53
N LEU A 33 2.53 3.23 -1.43
CA LEU A 33 1.42 3.05 -0.52
C LEU A 33 1.80 2.07 0.57
N PRO A 34 2.38 2.57 1.66
CA PRO A 34 2.75 1.76 2.82
C PRO A 34 1.54 1.14 3.52
N TYR A 35 1.43 -0.18 3.42
CA TYR A 35 0.36 -0.91 4.07
C TYR A 35 0.91 -1.78 5.18
N ASN A 36 0.45 -1.56 6.40
CA ASN A 36 0.72 -2.45 7.50
C ASN A 36 -0.45 -3.41 7.63
N THR A 37 -0.15 -4.68 7.83
CA THR A 37 -1.14 -5.74 7.68
C THR A 37 -2.27 -5.69 8.72
N SER A 38 -2.15 -4.81 9.70
CA SER A 38 -3.17 -4.69 10.73
C SER A 38 -4.04 -3.44 10.52
N ASP A 39 -3.93 -2.81 9.36
CA ASP A 39 -4.71 -1.61 9.07
C ASP A 39 -5.75 -1.89 7.99
N ASP A 40 -6.81 -1.09 7.97
CA ASP A 40 -7.92 -1.31 7.03
C ASP A 40 -7.66 -0.59 5.71
N PRO A 41 -8.16 -1.16 4.60
CA PRO A 41 -7.88 -0.64 3.25
C PRO A 41 -8.20 0.84 3.11
N TRP A 42 -9.47 1.19 3.33
CA TRP A 42 -9.91 2.56 3.18
C TRP A 42 -9.15 3.48 4.12
N LEU A 43 -8.65 2.95 5.22
CA LEU A 43 -7.88 3.73 6.17
C LEU A 43 -6.45 3.92 5.66
N THR A 44 -5.78 2.81 5.38
CA THR A 44 -4.41 2.83 4.87
C THR A 44 -4.30 3.70 3.63
N ALA A 45 -5.27 3.53 2.73
CA ALA A 45 -5.28 4.24 1.47
C ALA A 45 -5.59 5.71 1.69
N TYR A 46 -6.52 5.97 2.61
CA TYR A 46 -6.90 7.33 2.94
C TYR A 46 -5.71 8.05 3.57
N ASN A 47 -4.99 7.32 4.42
CA ASN A 47 -3.81 7.84 5.09
C ASN A 47 -2.76 8.30 4.08
N PHE A 48 -2.53 7.49 3.05
CA PHE A 48 -1.60 7.87 1.99
C PHE A 48 -2.21 8.98 1.13
N LEU A 49 -3.52 8.89 0.91
CA LEU A 49 -4.22 9.89 0.11
C LEU A 49 -4.13 11.27 0.76
N GLN A 50 -4.23 11.33 2.08
CA GLN A 50 -4.07 12.60 2.79
C GLN A 50 -2.60 12.98 2.92
N LYS A 51 -1.74 11.97 2.97
CA LYS A 51 -0.31 12.17 3.13
C LYS A 51 0.29 12.86 1.92
N ASN A 52 -0.13 12.44 0.73
CA ASN A 52 0.40 13.04 -0.49
C ASN A 52 -0.60 14.05 -1.04
N ASP A 53 -1.74 14.14 -0.38
CA ASP A 53 -2.85 14.98 -0.80
C ASP A 53 -3.34 14.59 -2.19
N LEU A 54 -3.87 13.39 -2.30
CA LEU A 54 -4.40 12.87 -3.54
C LEU A 54 -5.90 13.05 -3.58
N ASN A 55 -6.50 12.71 -4.70
CA ASN A 55 -7.93 12.79 -4.88
C ASN A 55 -8.60 11.53 -4.33
N PRO A 56 -9.76 11.67 -3.67
CA PRO A 56 -10.51 10.54 -3.10
C PRO A 56 -10.88 9.51 -4.16
N MET A 57 -10.78 9.90 -5.43
CA MET A 57 -11.01 9.02 -6.56
C MET A 57 -9.96 7.91 -6.60
N PHE A 58 -8.89 8.08 -5.85
CA PHE A 58 -7.80 7.11 -5.83
C PHE A 58 -7.98 6.11 -4.70
N LEU A 59 -8.78 6.48 -3.71
CA LEU A 59 -8.91 5.74 -2.46
C LEU A 59 -9.35 4.28 -2.68
N ASP A 60 -10.29 4.05 -3.59
CA ASP A 60 -10.78 2.69 -3.82
C ASP A 60 -9.70 1.80 -4.41
N GLN A 61 -9.07 2.26 -5.48
CA GLN A 61 -8.02 1.52 -6.16
C GLN A 61 -6.93 1.04 -5.20
N VAL A 62 -6.40 1.97 -4.42
CA VAL A 62 -5.36 1.62 -3.46
C VAL A 62 -5.89 0.70 -2.37
N ALA A 63 -7.06 1.01 -1.83
CA ALA A 63 -7.65 0.23 -0.75
C ALA A 63 -7.96 -1.20 -1.19
N LYS A 64 -8.48 -1.35 -2.40
CA LYS A 64 -8.80 -2.68 -2.93
C LYS A 64 -7.54 -3.53 -3.07
N PHE A 65 -6.45 -2.91 -3.49
CA PHE A 65 -5.18 -3.63 -3.59
C PHE A 65 -4.70 -4.00 -2.19
N ILE A 66 -4.82 -3.04 -1.27
CA ILE A 66 -4.51 -3.27 0.14
C ILE A 66 -5.22 -4.52 0.65
N ILE A 67 -6.51 -4.60 0.36
CA ILE A 67 -7.33 -5.73 0.76
C ILE A 67 -6.75 -7.05 0.28
N ASP A 68 -6.50 -7.16 -1.01
CA ASP A 68 -6.11 -8.45 -1.58
C ASP A 68 -4.73 -8.88 -1.10
N ASN A 69 -3.95 -7.93 -0.62
CA ASN A 69 -2.68 -8.26 0.02
C ASN A 69 -2.93 -9.19 1.21
N THR A 70 -4.05 -9.00 1.87
CA THR A 70 -4.47 -9.83 2.99
C THR A 70 -5.76 -10.58 2.67
N LYS A 71 -6.09 -10.62 1.38
CA LYS A 71 -7.24 -11.37 0.88
C LYS A 71 -6.72 -12.44 -0.09
N GLY A 72 -7.61 -13.15 -0.77
CA GLY A 72 -7.18 -14.21 -1.66
C GLY A 72 -7.87 -14.20 -3.00
N GLN A 73 -7.66 -13.15 -3.78
CA GLN A 73 -8.15 -13.10 -5.14
C GLN A 73 -6.98 -13.27 -6.12
N MET A 74 -6.05 -12.31 -6.10
CA MET A 74 -4.95 -12.33 -7.07
C MET A 74 -3.59 -12.53 -6.39
N LEU A 75 -3.46 -12.00 -5.18
CA LEU A 75 -2.18 -12.07 -4.47
C LEU A 75 -2.16 -13.25 -3.51
N GLY A 76 -2.88 -13.15 -2.41
CA GLY A 76 -2.84 -14.18 -1.39
C GLY A 76 -3.92 -15.23 -1.55
N LEU A 77 -4.15 -15.66 -2.78
CA LEU A 77 -5.15 -16.67 -3.04
C LEU A 77 -4.56 -18.07 -2.88
N GLY A 78 -5.43 -19.06 -2.76
CA GLY A 78 -5.00 -20.42 -2.55
C GLY A 78 -6.13 -21.30 -2.07
N ASN A 79 -6.20 -21.51 -0.77
CA ASN A 79 -7.28 -22.31 -0.19
C ASN A 79 -8.53 -21.45 -0.06
N PRO A 80 -9.65 -21.93 -0.61
CA PRO A 80 -10.92 -21.22 -0.54
C PRO A 80 -11.62 -21.43 0.81
#